data_3AEC
#
_entry.id   3AEC
#
_cell.length_a   70.966
_cell.length_b   83.994
_cell.length_c   295.254
_cell.angle_alpha   90.000
_cell.angle_beta   90.000
_cell.angle_gamma   90.000
#
_symmetry.space_group_name_H-M   'P 21 21 21'
#
loop_
_entity.id
_entity.type
_entity.pdbx_description
1 polymer 'Succinate dehydrogenase [ubiquinone] flavoprotein subunit, mitochondrial'
2 polymer 'Succinate dehydrogenase [ubiquinone] iron-sulfur subunit, mitochondrial'
3 polymer 'Succinate dehydrogenase cytochrome b560 subunit, mitochondrial'
4 polymer 'Succinate dehydrogenase [ubiquinone] cytochrome b small subunit, mitochondrial'
5 non-polymer 'FLAVIN-ADENINE DINUCLEOTIDE'
6 non-polymer 'FE2/S2 (INORGANIC) CLUSTER'
7 non-polymer 'IRON/SULFUR CLUSTER'
8 non-polymer 'FE3-S4 CLUSTER'
9 non-polymer 'PROTOPORPHYRIN IX CONTAINING FE'
10 non-polymer 2-iodo-N-(1-methylethyl)benzamide
11 non-polymer L-ALPHA-PHOSPHATIDYL-BETA-OLEOYL-GAMMA-PALMITOYL-PHOSPHATIDYLETHANOLAMINE
#
loop_
_entity_poly.entity_id
_entity_poly.type
_entity_poly.pdbx_seq_one_letter_code
_entity_poly.pdbx_strand_id
1 'polypeptide(L)'
;SSAKVSDAISTQYPVVDHEFDAVVVGAGGAGLRAAFGLSEAGFNTACVTKLFPTRSHTVAAQGGINAALGNMEEDNWRWH
FYDTVKGSDWLGDQDAIHYMTEQAPASVVELENYGMPFSRTEDGKIYQRAFGGQSLKFGKGGQAHRCCCVADRTGHSLLH
TLYGRSLRYDTSYFVEYFALDLLMENGECRGVIALCIEDGSIHRIRARNTVVATGGYGRTYFSCTSAHTSTGDGTAMVTR
AGLPCQDLEFVQFHPTGIYGAGCLITEGCRGEGGILINSQGERFMERYAPVAKDLASRDVVSRSMTLEIREGRGCGPEKD
HVYLQLHHLPPEQLAVRLPGISETAMIFAGVDVTKEPIPVLPTVHYNMGGIPTNYKGQVLRHVNGQDQVVPGLYACGEAA
CASVHGANRLGANSLLDLVVFGRACALSIAESCRPGDKVPSIKPNAGEESVMNLDKLRFANGTIRTSELRLSMQKSMQSH
AAVFRVGSVLQEGCEKILRLYGDLQHLKTFDRGMVWNTDLVETLELQNLMLCALQTIYGAEARKESRGAHAREDFKERVD
EYDYSKPIQGQQKKPFQEHWRKHTLSYVDVKTGKVSLEYRPVIDKTLNEADCATVPPAIRSY
;
A
2 'polypeptide(L)'
;AQTAAATAPRIKKFAIYRWDPDKTGDKPHMQTYEIDLNNCGPMVLDALIKIKNEIDSTLTFRRSCREGICGSCAMNINGG
NTLACTRRIDTNLDKVSKIYPLPHMYVIKDLVPDLSNFYAQYKSIEPYLKKKDESQEGKQQYLQSIEEREKLDGLYECIL
CACCSTSCPSYWWNGDKYLGPAVLMQAYRWMIDSRDDFTEERLAKLQDPFSLYRCHTIMNCTGTCPKGLNPGKAIAEIKK
MMATYKEKKASA
;
B
3 'polypeptide(L)'
;LGTTAKEEMERFWNKNLGSNRPLSPHITIYRWSLPMAMSICHRGTGIALSAGVSLFGLSALLLPGNFESHLELVKSLCLG
PTLIYTAKFGIVFPLMYHTWNGIRHLIWDLGKGLTIPQLTQSGVVVLILTVLSSVGLAAM
;
C
4 'polypeptide(L)'
;ASSKAASLHWTGERVVSVLLLGLLPAAYLNPCSAMDYSLAAALTLHGHWGIGQVVTDYVRGDALQKAAKAGLLALSAFTF
AGLCYFNYHDVGICKAVAMLWKL
;
D
#
loop_
_chem_comp.id
_chem_comp.type
_chem_comp.name
_chem_comp.formula
EBM non-polymer 2-iodo-N-(1-methylethyl)benzamide 'C10 H12 I N O'
EPH non-polymer L-ALPHA-PHOSPHATIDYL-BETA-OLEOYL-GAMMA-PALMITOYL-PHOSPHATIDYLETHANOLAMINE 'C39 H68 N O8 P'
F3S non-polymer 'FE3-S4 CLUSTER' 'Fe3 S4'
FAD non-polymer 'FLAVIN-ADENINE DINUCLEOTIDE' 'C27 H33 N9 O15 P2'
FES non-polymer 'FE2/S2 (INORGANIC) CLUSTER' 'Fe2 S2'
HEM non-polymer 'PROTOPORPHYRIN IX CONTAINING FE' 'C34 H32 Fe N4 O4'
SF4 non-polymer 'IRON/SULFUR CLUSTER' 'Fe4 S4'
#
# COMPACT_ATOMS: atom_id res chain seq x y z
N SER A 10 -2.48 33.92 12.42
CA SER A 10 -2.17 34.32 13.83
C SER A 10 -3.43 34.36 14.69
N THR A 11 -3.32 33.80 15.90
CA THR A 11 -4.40 33.81 16.92
C THR A 11 -5.65 33.01 16.52
N GLN A 12 -5.84 32.83 15.21
CA GLN A 12 -6.98 32.06 14.68
C GLN A 12 -6.66 30.57 14.62
N TYR A 13 -5.40 30.25 14.30
CA TYR A 13 -4.94 28.87 14.20
C TYR A 13 -3.92 28.56 15.29
N PRO A 14 -4.02 27.37 15.93
CA PRO A 14 -3.04 26.96 16.92
C PRO A 14 -1.68 26.66 16.30
N VAL A 15 -0.75 27.61 16.44
CA VAL A 15 0.60 27.46 15.90
C VAL A 15 1.53 26.72 16.87
N VAL A 16 2.02 25.56 16.44
CA VAL A 16 2.90 24.73 17.27
C VAL A 16 4.25 24.55 16.59
N ASP A 17 5.29 25.11 17.21
CA ASP A 17 6.65 25.06 16.67
C ASP A 17 7.43 23.85 17.18
N HIS A 18 8.07 23.13 16.26
CA HIS A 18 8.88 21.96 16.59
C HIS A 18 10.35 22.22 16.30
N GLU A 19 11.23 21.67 17.14
CA GLU A 19 12.67 21.89 17.02
C GLU A 19 13.40 20.61 16.61
N PHE A 20 14.10 20.67 15.48
CA PHE A 20 14.79 19.50 14.91
C PHE A 20 16.13 19.84 14.26
N ASP A 21 16.92 18.79 13.99
CA ASP A 21 18.19 18.94 13.29
C ASP A 21 17.99 18.92 11.77
N ALA A 22 17.08 18.06 11.31
CA ALA A 22 16.78 17.93 9.88
C ALA A 22 15.32 17.59 9.63
N VAL A 23 14.77 18.15 8.56
CA VAL A 23 13.39 17.87 8.13
C VAL A 23 13.38 17.28 6.73
N VAL A 24 12.72 16.13 6.59
CA VAL A 24 12.56 15.49 5.28
C VAL A 24 11.10 15.52 4.88
N VAL A 25 10.79 16.28 3.83
CA VAL A 25 9.42 16.38 3.32
C VAL A 25 9.20 15.37 2.21
N GLY A 26 8.40 14.35 2.53
CA GLY A 26 8.14 13.24 1.61
C GLY A 26 8.40 11.90 2.26
N ALA A 27 7.53 10.93 1.97
CA ALA A 27 7.70 9.59 2.52
C ALA A 27 7.70 8.51 1.44
N GLY A 28 8.20 8.88 0.26
CA GLY A 28 8.36 7.93 -0.84
C GLY A 28 9.59 7.07 -0.63
N GLY A 29 10.24 6.71 -1.74
CA GLY A 29 11.48 5.94 -1.68
C GLY A 29 12.63 6.83 -1.24
N ALA A 30 12.73 8.00 -1.88
CA ALA A 30 13.78 8.97 -1.59
C ALA A 30 13.60 9.57 -0.20
N GLY A 31 12.36 9.93 0.14
CA GLY A 31 12.03 10.52 1.43
C GLY A 31 12.48 9.67 2.60
N LEU A 32 12.15 8.38 2.54
CA LEU A 32 12.52 7.42 3.58
C LEU A 32 14.02 7.21 3.70
N ARG A 33 14.66 6.85 2.58
CA ARG A 33 16.11 6.62 2.55
C ARG A 33 16.88 7.79 3.15
N ALA A 34 16.38 9.00 2.92
CA ALA A 34 16.96 10.21 3.51
C ALA A 34 16.66 10.31 5.01
N ALA A 35 15.41 10.03 5.37
CA ALA A 35 14.94 10.20 6.74
C ALA A 35 15.71 9.38 7.77
N PHE A 36 15.68 8.05 7.63
CA PHE A 36 16.36 7.17 8.57
C PHE A 36 17.88 7.14 8.35
N GLY A 37 18.30 7.53 7.14
CA GLY A 37 19.73 7.66 6.82
C GLY A 37 20.39 8.79 7.60
N LEU A 38 19.60 9.80 7.92
CA LEU A 38 20.03 10.91 8.78
C LEU A 38 20.05 10.48 10.25
N SER A 39 19.03 9.74 10.67
CA SER A 39 18.95 9.20 12.03
C SER A 39 19.99 8.11 12.26
N GLU A 40 20.45 7.51 11.18
CA GLU A 40 21.52 6.52 11.20
C GLU A 40 22.84 7.19 11.57
N ALA A 41 23.06 8.40 11.07
CA ALA A 41 24.24 9.20 11.38
C ALA A 41 24.16 9.83 12.77
N GLY A 42 22.96 9.84 13.35
CA GLY A 42 22.74 10.31 14.72
C GLY A 42 22.04 11.65 14.83
N PHE A 43 21.23 11.99 13.83
CA PHE A 43 20.50 13.26 13.81
C PHE A 43 19.08 13.10 14.33
N ASN A 44 18.59 14.14 15.00
CA ASN A 44 17.19 14.20 15.41
C ASN A 44 16.34 14.65 14.23
N THR A 45 15.86 13.68 13.47
CA THR A 45 15.20 13.94 12.19
C THR A 45 13.68 13.90 12.29
N ALA A 46 13.03 14.84 11.60
CA ALA A 46 11.58 14.83 11.45
C ALA A 46 11.22 14.53 10.00
N CYS A 47 10.08 13.89 9.79
CA CYS A 47 9.61 13.58 8.43
C CYS A 47 8.15 13.98 8.22
N VAL A 48 7.94 14.88 7.26
CA VAL A 48 6.61 15.39 6.96
C VAL A 48 6.07 14.70 5.70
N THR A 49 4.84 14.20 5.79
CA THR A 49 4.20 13.50 4.68
C THR A 49 2.68 13.66 4.72
N LYS A 50 2.08 13.95 3.57
CA LYS A 50 0.62 14.13 3.47
C LYS A 50 -0.11 12.79 3.45
N LEU A 51 0.61 11.74 3.03
CA LEU A 51 0.09 10.38 3.00
C LEU A 51 0.74 9.55 4.10
N PHE A 52 0.34 8.29 4.22
CA PHE A 52 1.07 7.33 5.04
C PHE A 52 2.23 6.80 4.21
N PRO A 53 3.42 6.61 4.83
CA PRO A 53 4.62 6.12 4.15
C PRO A 53 4.39 5.02 3.10
N THR A 54 3.68 3.96 3.49
CA THR A 54 3.37 2.84 2.58
C THR A 54 2.51 3.29 1.40
N ARG A 55 1.60 4.22 1.65
CA ARG A 55 0.63 4.64 0.65
C ARG A 55 1.15 5.80 -0.21
N SER A 56 2.47 5.81 -0.43
CA SER A 56 3.11 6.79 -1.31
C SER A 56 2.86 6.42 -2.77
N HIS A 57 3.86 6.53 -3.63
CA HIS A 57 3.68 6.06 -4.98
C HIS A 57 4.65 5.00 -5.41
N THR A 58 5.75 4.95 -4.73
CA THR A 58 6.82 4.06 -5.21
C THR A 58 6.19 2.67 -5.20
N VAL A 59 5.11 2.52 -4.42
CA VAL A 59 4.35 1.28 -4.34
C VAL A 59 3.88 0.83 -5.73
N ALA A 60 3.54 1.79 -6.57
CA ALA A 60 3.05 1.54 -7.91
C ALA A 60 4.14 1.07 -8.89
N ALA A 61 5.40 1.16 -8.48
CA ALA A 61 6.52 0.78 -9.33
C ALA A 61 6.51 -0.71 -9.64
N GLN A 62 6.67 -1.02 -10.93
CA GLN A 62 6.49 -2.38 -11.44
C GLN A 62 7.73 -2.96 -12.12
N GLY A 63 8.39 -2.15 -12.93
CA GLY A 63 9.55 -2.59 -13.72
C GLY A 63 10.68 -3.15 -12.88
N GLY A 64 11.33 -2.27 -12.13
CA GLY A 64 12.43 -2.68 -11.25
C GLY A 64 13.44 -1.60 -10.93
N ILE A 65 14.51 -2.01 -10.25
CA ILE A 65 15.58 -1.11 -9.86
C ILE A 65 16.84 -1.48 -10.65
N ASN A 66 17.45 -0.49 -11.29
CA ASN A 66 18.64 -0.72 -12.11
C ASN A 66 19.93 -0.80 -11.31
N ALA A 67 20.68 -1.88 -11.54
CA ALA A 67 21.97 -2.10 -10.88
C ALA A 67 22.87 -2.95 -11.76
N ALA A 68 24.13 -2.58 -11.86
CA ALA A 68 25.09 -3.32 -12.66
C ALA A 68 25.80 -4.40 -11.83
N LEU A 69 25.01 -5.28 -11.25
CA LEU A 69 25.53 -6.40 -10.46
C LEU A 69 26.08 -7.51 -11.34
N GLY A 70 25.41 -7.74 -12.48
CA GLY A 70 25.83 -8.75 -13.44
C GLY A 70 25.66 -10.17 -12.91
N ASN A 71 24.41 -10.56 -12.68
CA ASN A 71 24.10 -11.89 -12.18
C ASN A 71 23.71 -12.85 -13.30
N MET A 72 23.24 -12.31 -14.42
CA MET A 72 22.89 -13.10 -15.59
C MET A 72 24.14 -13.30 -16.46
N GLU A 73 24.65 -12.20 -17.00
CA GLU A 73 25.90 -12.17 -17.74
C GLU A 73 26.91 -11.31 -16.99
N GLU A 74 28.16 -11.26 -17.45
CA GLU A 74 29.16 -10.38 -16.85
C GLU A 74 28.90 -8.93 -17.23
N ASP A 75 28.94 -8.03 -16.25
CA ASP A 75 28.53 -6.65 -16.43
C ASP A 75 29.48 -5.65 -15.76
N ASN A 76 29.62 -4.48 -16.38
CA ASN A 76 30.40 -3.38 -15.83
C ASN A 76 29.50 -2.17 -15.63
N TRP A 77 29.67 -1.50 -14.49
CA TRP A 77 28.83 -0.35 -14.14
C TRP A 77 29.03 0.85 -15.06
N ARG A 78 30.17 0.89 -15.73
CA ARG A 78 30.50 1.98 -16.66
C ARG A 78 29.67 1.91 -17.95
N TRP A 79 29.20 0.71 -18.29
CA TRP A 79 28.30 0.53 -19.44
C TRP A 79 26.92 1.07 -19.12
N HIS A 80 26.55 1.00 -17.84
CA HIS A 80 25.28 1.55 -17.36
C HIS A 80 25.32 3.07 -17.36
N PHE A 81 26.50 3.64 -17.15
CA PHE A 81 26.73 5.08 -17.27
C PHE A 81 26.48 5.56 -18.70
N TYR A 82 27.05 4.85 -19.66
CA TYR A 82 26.97 5.23 -21.07
C TYR A 82 25.53 5.25 -21.59
N ASP A 83 24.75 4.23 -21.24
CA ASP A 83 23.37 4.13 -21.72
C ASP A 83 22.45 5.16 -21.09
N THR A 84 22.76 5.53 -19.84
CA THR A 84 22.02 6.58 -19.15
C THR A 84 22.27 7.94 -19.80
N VAL A 85 23.53 8.23 -20.10
CA VAL A 85 23.89 9.49 -20.75
C VAL A 85 23.53 9.50 -22.25
N LYS A 86 23.50 8.31 -22.86
CA LYS A 86 23.02 8.17 -24.24
C LYS A 86 21.51 8.34 -24.27
N GLY A 87 20.83 7.75 -23.30
CA GLY A 87 19.38 7.86 -23.16
C GLY A 87 18.92 9.26 -22.79
N SER A 88 19.78 9.99 -22.09
CA SER A 88 19.48 11.35 -21.65
C SER A 88 19.53 12.38 -22.79
N ASP A 89 19.92 11.91 -23.97
CA ASP A 89 20.07 12.76 -25.16
C ASP A 89 21.08 13.90 -24.93
N TRP A 90 22.10 13.60 -24.14
CA TRP A 90 23.22 14.49 -23.81
C TRP A 90 22.87 15.82 -23.13
N LEU A 91 21.66 15.90 -22.57
CA LEU A 91 21.30 16.99 -21.68
C LEU A 91 21.56 16.56 -20.23
N GLY A 92 21.76 15.26 -20.04
CA GLY A 92 22.03 14.68 -18.72
C GLY A 92 23.38 15.09 -18.18
N ASP A 93 23.39 15.54 -16.93
CA ASP A 93 24.61 15.94 -16.23
C ASP A 93 25.44 14.72 -15.89
N GLN A 94 26.61 14.62 -16.52
CA GLN A 94 27.43 13.40 -16.47
C GLN A 94 28.11 13.16 -15.12
N ASP A 95 28.20 14.20 -14.29
CA ASP A 95 28.75 14.07 -12.94
C ASP A 95 27.79 13.37 -11.99
N ALA A 96 26.50 13.64 -12.17
CA ALA A 96 25.45 13.02 -11.37
C ALA A 96 25.17 11.60 -11.85
N ILE A 97 25.26 11.40 -13.17
CA ILE A 97 25.08 10.07 -13.78
C ILE A 97 26.21 9.13 -13.36
N HIS A 98 27.41 9.70 -13.21
CA HIS A 98 28.57 8.97 -12.72
C HIS A 98 28.31 8.41 -11.33
N TYR A 99 27.94 9.28 -10.40
CA TYR A 99 27.75 8.92 -8.99
C TYR A 99 26.62 7.90 -8.78
N MET A 100 25.58 8.00 -9.61
CA MET A 100 24.44 7.10 -9.51
C MET A 100 24.75 5.69 -10.02
N THR A 101 25.41 5.62 -11.17
CA THR A 101 25.81 4.33 -11.77
C THR A 101 26.99 3.69 -11.03
N GLU A 102 27.73 4.52 -10.30
CA GLU A 102 28.81 4.07 -9.43
C GLU A 102 28.26 3.36 -8.20
N GLN A 103 27.23 3.94 -7.60
CA GLN A 103 26.61 3.41 -6.40
C GLN A 103 25.57 2.34 -6.73
N ALA A 104 25.25 2.20 -8.02
CA ALA A 104 24.21 1.29 -8.49
C ALA A 104 24.24 -0.13 -7.88
N PRO A 105 25.39 -0.83 -7.98
CA PRO A 105 25.42 -2.16 -7.37
C PRO A 105 25.47 -2.11 -5.85
N ALA A 106 26.23 -1.16 -5.30
CA ALA A 106 26.42 -1.02 -3.87
C ALA A 106 25.12 -0.70 -3.13
N SER A 107 24.27 0.13 -3.72
CA SER A 107 23.04 0.61 -3.09
C SER A 107 21.90 -0.40 -3.16
N VAL A 108 21.94 -1.30 -4.15
CA VAL A 108 20.94 -2.35 -4.30
C VAL A 108 21.23 -3.52 -3.36
N VAL A 109 22.50 -3.92 -3.28
CA VAL A 109 22.95 -4.92 -2.31
C VAL A 109 22.61 -4.47 -0.89
N GLU A 110 22.59 -3.15 -0.69
CA GLU A 110 22.14 -2.57 0.57
C GLU A 110 20.66 -2.89 0.81
N LEU A 111 19.84 -2.71 -0.23
CA LEU A 111 18.39 -2.94 -0.14
C LEU A 111 18.01 -4.41 0.00
N GLU A 112 18.80 -5.29 -0.61
CA GLU A 112 18.59 -6.73 -0.49
C GLU A 112 18.92 -7.19 0.93
N ASN A 113 19.93 -6.57 1.52
CA ASN A 113 20.32 -6.83 2.91
C ASN A 113 19.38 -6.18 3.93
N TYR A 114 18.57 -5.23 3.46
CA TYR A 114 17.54 -4.61 4.28
C TYR A 114 16.32 -5.52 4.42
N GLY A 115 16.10 -6.37 3.42
CA GLY A 115 15.04 -7.37 3.48
C GLY A 115 14.18 -7.51 2.24
N MET A 116 14.55 -6.80 1.17
CA MET A 116 13.79 -6.81 -0.07
C MET A 116 13.77 -8.20 -0.71
N PRO A 117 12.57 -8.78 -0.88
CA PRO A 117 12.41 -10.15 -1.36
C PRO A 117 12.64 -10.30 -2.87
N PHE A 118 13.82 -9.91 -3.34
CA PHE A 118 14.19 -9.99 -4.74
C PHE A 118 13.97 -11.38 -5.33
N SER A 119 13.48 -11.42 -6.58
CA SER A 119 13.36 -12.67 -7.32
C SER A 119 14.74 -13.25 -7.60
N ARG A 120 14.83 -14.57 -7.77
CA ARG A 120 16.12 -15.26 -7.84
C ARG A 120 16.29 -16.14 -9.07
N THR A 121 17.54 -16.47 -9.37
CA THR A 121 17.88 -17.43 -10.44
C THR A 121 18.49 -18.72 -9.89
N GLU A 122 19.01 -19.54 -10.80
CA GLU A 122 19.61 -20.83 -10.46
C GLU A 122 20.74 -20.70 -9.44
N ASP A 123 21.53 -19.64 -9.57
CA ASP A 123 22.67 -19.39 -8.69
C ASP A 123 22.25 -18.81 -7.34
N GLY A 124 21.01 -18.35 -7.24
CA GLY A 124 20.47 -17.81 -5.99
C GLY A 124 20.66 -16.30 -5.87
N LYS A 125 21.27 -15.70 -6.89
CA LYS A 125 21.48 -14.26 -6.93
C LYS A 125 20.22 -13.52 -7.39
N ILE A 126 20.26 -12.19 -7.32
CA ILE A 126 19.14 -11.34 -7.72
C ILE A 126 18.84 -11.46 -9.22
N TYR A 127 17.56 -11.64 -9.54
CA TYR A 127 17.09 -11.74 -10.92
C TYR A 127 17.13 -10.39 -11.61
N GLN A 128 17.99 -10.27 -12.60
CA GLN A 128 18.06 -9.09 -13.46
C GLN A 128 17.41 -9.42 -14.80
N ARG A 129 16.65 -8.48 -15.35
CA ARG A 129 15.98 -8.72 -16.62
C ARG A 129 16.06 -7.53 -17.59
N ALA A 130 15.91 -7.84 -18.88
CA ALA A 130 15.99 -6.86 -19.96
C ALA A 130 15.04 -5.69 -19.76
N PHE A 131 15.47 -4.51 -20.20
CA PHE A 131 14.67 -3.30 -20.12
C PHE A 131 15.08 -2.33 -21.23
N GLY A 132 14.17 -1.42 -21.58
CA GLY A 132 14.39 -0.50 -22.70
C GLY A 132 15.55 0.47 -22.50
N GLY A 133 16.52 0.42 -23.42
CA GLY A 133 17.65 1.34 -23.42
C GLY A 133 18.98 0.74 -23.00
N GLN A 134 18.93 -0.46 -22.40
CA GLN A 134 20.12 -1.10 -21.85
C GLN A 134 20.96 -1.80 -22.93
N SER A 135 22.28 -1.74 -22.78
CA SER A 135 23.21 -2.40 -23.70
C SER A 135 24.55 -2.73 -23.05
N LEU A 136 25.19 -3.80 -23.53
CA LEU A 136 26.49 -4.22 -23.05
C LEU A 136 27.63 -3.61 -23.87
N LYS A 137 28.80 -3.50 -23.26
CA LYS A 137 30.03 -3.04 -23.92
C LYS A 137 29.89 -1.71 -24.67
N PHE A 138 29.43 -0.69 -23.96
CA PHE A 138 29.25 0.67 -24.51
C PHE A 138 28.41 0.69 -25.80
N GLY A 139 27.27 0.00 -25.79
CA GLY A 139 26.35 -0.03 -26.92
C GLY A 139 26.87 -0.77 -28.14
N LYS A 140 27.68 -1.81 -27.89
CA LYS A 140 28.26 -2.61 -28.97
C LYS A 140 27.98 -4.10 -28.78
N GLY A 141 27.90 -4.52 -27.51
CA GLY A 141 27.74 -5.93 -27.15
C GLY A 141 26.41 -6.54 -27.55
N GLY A 142 25.34 -6.01 -26.97
CA GLY A 142 23.99 -6.51 -27.26
C GLY A 142 22.96 -5.92 -26.31
N GLN A 143 22.09 -6.78 -25.78
CA GLN A 143 21.07 -6.36 -24.83
C GLN A 143 21.46 -6.76 -23.41
N ALA A 144 21.58 -5.77 -22.54
CA ALA A 144 22.02 -5.98 -21.16
C ALA A 144 20.86 -6.32 -20.22
N HIS A 145 21.12 -7.27 -19.33
CA HIS A 145 20.16 -7.66 -18.30
C HIS A 145 20.66 -7.13 -16.96
N ARG A 146 20.17 -5.97 -16.56
CA ARG A 146 20.60 -5.31 -15.33
C ARG A 146 19.47 -4.64 -14.54
N CYS A 147 18.25 -5.12 -14.75
CA CYS A 147 17.09 -4.60 -14.02
C CYS A 147 16.66 -5.57 -12.93
N CYS A 148 17.07 -5.27 -11.70
CA CYS A 148 16.72 -6.08 -10.52
C CYS A 148 15.25 -5.91 -10.19
N CYS A 149 14.55 -7.02 -10.01
CA CYS A 149 13.10 -6.99 -9.83
C CYS A 149 12.54 -7.98 -8.82
N VAL A 150 11.45 -7.57 -8.17
CA VAL A 150 10.68 -8.43 -7.28
C VAL A 150 9.37 -8.77 -7.98
N ALA A 151 9.48 -9.38 -9.16
CA ALA A 151 8.34 -9.86 -9.95
C ALA A 151 7.16 -8.90 -10.03
N ASP A 152 7.34 -7.82 -10.80
CA ASP A 152 6.27 -6.84 -11.10
C ASP A 152 5.81 -5.96 -9.92
N ARG A 153 6.13 -6.37 -8.70
CA ARG A 153 5.80 -5.59 -7.50
C ARG A 153 7.08 -5.12 -6.83
N THR A 154 7.94 -4.49 -7.63
CA THR A 154 9.29 -4.12 -7.21
C THR A 154 9.31 -2.98 -6.21
N GLY A 155 8.63 -1.88 -6.55
CA GLY A 155 8.58 -0.70 -5.70
C GLY A 155 7.75 -0.92 -4.45
N HIS A 156 6.71 -1.76 -4.59
CA HIS A 156 5.87 -2.16 -3.46
C HIS A 156 6.74 -2.74 -2.34
N SER A 157 7.46 -3.82 -2.66
CA SER A 157 8.33 -4.48 -1.69
C SER A 157 9.55 -3.63 -1.32
N LEU A 158 9.94 -2.72 -2.22
CA LEU A 158 11.00 -1.76 -1.93
C LEU A 158 10.60 -0.85 -0.78
N LEU A 159 9.44 -0.19 -0.93
CA LEU A 159 8.97 0.78 0.04
C LEU A 159 8.71 0.14 1.41
N HIS A 160 8.17 -1.07 1.40
CA HIS A 160 7.87 -1.80 2.63
C HIS A 160 9.12 -2.18 3.41
N THR A 161 10.19 -2.54 2.70
CA THR A 161 11.44 -2.89 3.35
C THR A 161 12.20 -1.65 3.79
N LEU A 162 12.06 -0.56 3.03
CA LEU A 162 12.61 0.74 3.41
C LEU A 162 11.88 1.28 4.64
N TYR A 163 10.57 1.09 4.67
CA TYR A 163 9.76 1.46 5.83
C TYR A 163 10.05 0.53 6.99
N GLY A 164 10.20 -0.75 6.69
CA GLY A 164 10.55 -1.77 7.68
C GLY A 164 11.78 -1.34 8.47
N ARG A 165 12.85 -1.03 7.75
CA ARG A 165 14.09 -0.56 8.36
C ARG A 165 13.94 0.79 9.07
N SER A 166 13.02 1.62 8.59
CA SER A 166 12.84 2.98 9.10
C SER A 166 12.33 3.03 10.55
N LEU A 167 11.78 1.92 11.03
CA LEU A 167 11.32 1.84 12.41
C LEU A 167 12.42 1.40 13.39
N ARG A 168 13.61 1.11 12.86
CA ARG A 168 14.77 0.81 13.70
C ARG A 168 15.30 2.05 14.40
N TYR A 169 15.09 3.21 13.79
CA TYR A 169 15.63 4.48 14.29
C TYR A 169 14.51 5.38 14.81
N ASP A 170 14.85 6.25 15.76
CA ASP A 170 13.89 7.17 16.37
C ASP A 170 13.68 8.44 15.54
N THR A 171 12.78 8.33 14.57
CA THR A 171 12.46 9.43 13.67
C THR A 171 11.01 9.86 13.90
N SER A 172 10.81 11.16 14.10
CA SER A 172 9.46 11.70 14.30
C SER A 172 8.74 11.88 12.96
N TYR A 173 7.86 10.92 12.66
CA TYR A 173 7.06 10.98 11.44
C TYR A 173 5.75 11.71 11.67
N PHE A 174 5.62 12.88 11.04
CA PHE A 174 4.37 13.62 11.05
C PHE A 174 3.47 13.05 9.96
N VAL A 175 2.78 11.96 10.29
CA VAL A 175 1.97 11.21 9.32
C VAL A 175 0.71 11.99 8.96
N GLU A 176 0.45 12.07 7.65
CA GLU A 176 -0.66 12.86 7.09
C GLU A 176 -0.61 14.33 7.53
N TYR A 177 0.42 15.01 7.06
CA TYR A 177 0.65 16.43 7.28
C TYR A 177 0.98 17.09 5.95
N PHE A 178 0.13 18.01 5.52
CA PHE A 178 0.35 18.69 4.24
C PHE A 178 1.25 19.91 4.40
N ALA A 179 2.47 19.81 3.88
CA ALA A 179 3.40 20.93 3.85
C ALA A 179 2.95 21.95 2.80
N LEU A 180 2.89 23.22 3.20
CA LEU A 180 2.37 24.28 2.35
C LEU A 180 3.49 25.02 1.63
N ASP A 181 4.45 25.52 2.40
CA ASP A 181 5.61 26.25 1.88
C ASP A 181 6.84 26.01 2.75
N LEU A 182 7.99 26.52 2.32
CA LEU A 182 9.22 26.44 3.09
C LEU A 182 9.39 27.69 3.97
N LEU A 183 9.92 27.47 5.17
CA LEU A 183 10.36 28.58 6.00
C LEU A 183 11.68 29.10 5.44
N MET A 184 11.63 30.29 4.86
CA MET A 184 12.78 30.87 4.18
C MET A 184 13.08 32.25 4.76
N GLU A 185 14.36 32.51 5.03
CA GLU A 185 14.79 33.80 5.56
C GLU A 185 16.14 34.21 5.00
N ASN A 186 16.14 35.25 4.16
CA ASN A 186 17.35 35.78 3.52
C ASN A 186 18.14 34.73 2.74
N GLY A 187 17.43 33.95 1.92
CA GLY A 187 18.04 32.92 1.09
C GLY A 187 18.49 31.68 1.85
N GLU A 188 18.25 31.67 3.16
CA GLU A 188 18.59 30.54 4.03
C GLU A 188 17.34 29.75 4.36
N CYS A 189 17.43 28.43 4.27
CA CYS A 189 16.29 27.56 4.59
C CYS A 189 16.28 27.19 6.08
N ARG A 190 15.11 27.30 6.70
CA ARG A 190 14.97 27.12 8.14
C ARG A 190 13.97 26.02 8.51
N GLY A 191 13.33 25.43 7.50
CA GLY A 191 12.36 24.36 7.72
C GLY A 191 11.12 24.50 6.86
N VAL A 192 10.01 23.91 7.31
CA VAL A 192 8.74 23.97 6.58
C VAL A 192 7.55 24.34 7.48
N ILE A 193 6.51 24.89 6.85
CA ILE A 193 5.25 25.19 7.53
C ILE A 193 4.16 24.24 7.02
N ALA A 194 3.76 23.30 7.88
CA ALA A 194 2.85 22.23 7.48
C ALA A 194 1.52 22.27 8.22
N LEU A 195 0.47 21.81 7.54
CA LEU A 195 -0.86 21.69 8.13
C LEU A 195 -1.14 20.25 8.53
N CYS A 196 -1.55 20.05 9.79
CA CYS A 196 -2.01 18.75 10.24
C CYS A 196 -3.38 18.47 9.64
N ILE A 197 -3.50 17.34 8.95
CA ILE A 197 -4.73 16.97 8.28
C ILE A 197 -5.78 16.46 9.28
N GLU A 198 -5.33 16.06 10.47
CA GLU A 198 -6.17 15.37 11.45
C GLU A 198 -7.04 16.31 12.30
N ASP A 199 -6.52 17.49 12.63
CA ASP A 199 -7.28 18.44 13.46
C ASP A 199 -7.31 19.86 12.87
N GLY A 200 -6.40 20.14 11.94
CA GLY A 200 -6.36 21.44 11.26
C GLY A 200 -5.39 22.45 11.84
N SER A 201 -4.61 22.04 12.84
CA SER A 201 -3.62 22.91 13.45
C SER A 201 -2.37 23.06 12.56
N ILE A 202 -1.80 24.25 12.57
CA ILE A 202 -0.64 24.57 11.73
C ILE A 202 0.66 24.43 12.51
N HIS A 203 1.63 23.71 11.93
CA HIS A 203 2.91 23.45 12.57
C HIS A 203 4.08 24.08 11.82
N ARG A 204 4.83 24.93 12.51
CA ARG A 204 6.04 25.53 11.96
C ARG A 204 7.25 24.72 12.42
N ILE A 205 7.59 23.71 11.62
CA ILE A 205 8.68 22.79 11.95
C ILE A 205 10.00 23.38 11.47
N ARG A 206 10.83 23.81 12.42
CA ARG A 206 12.12 24.43 12.12
C ARG A 206 13.29 23.47 12.30
N ALA A 207 14.20 23.49 11.33
CA ALA A 207 15.42 22.67 11.38
C ALA A 207 16.57 23.30 10.60
N ARG A 208 17.78 22.83 10.88
CA ARG A 208 18.99 23.34 10.23
C ARG A 208 19.10 22.92 8.77
N ASN A 209 18.50 21.77 8.44
CA ASN A 209 18.52 21.23 7.08
C ASN A 209 17.15 20.72 6.64
N THR A 210 16.86 20.87 5.34
CA THR A 210 15.57 20.46 4.78
C THR A 210 15.77 19.67 3.49
N VAL A 211 15.20 18.47 3.45
CA VAL A 211 15.29 17.60 2.28
C VAL A 211 13.91 17.47 1.63
N VAL A 212 13.83 17.83 0.34
CA VAL A 212 12.55 17.80 -0.38
C VAL A 212 12.46 16.58 -1.30
N ALA A 213 11.49 15.71 -1.01
CA ALA A 213 11.26 14.50 -1.81
C ALA A 213 9.76 14.26 -1.95
N THR A 214 9.07 15.22 -2.57
CA THR A 214 7.62 15.20 -2.69
C THR A 214 7.12 14.50 -3.95
N GLY A 215 8.05 14.08 -4.81
CA GLY A 215 7.72 13.42 -6.06
C GLY A 215 7.26 14.38 -7.15
N GLY A 216 6.78 13.81 -8.25
CA GLY A 216 6.45 14.58 -9.45
C GLY A 216 5.04 15.13 -9.53
N TYR A 217 4.75 15.76 -10.65
CA TYR A 217 3.50 16.46 -10.88
C TYR A 217 2.71 15.85 -12.04
N GLY A 218 2.59 14.52 -12.02
CA GLY A 218 1.89 13.79 -13.09
C GLY A 218 0.44 14.19 -13.31
N ARG A 219 -0.21 14.67 -12.25
CA ARG A 219 -1.62 15.06 -12.31
C ARG A 219 -1.89 16.42 -12.98
N THR A 220 -0.88 16.97 -13.64
CA THR A 220 -1.04 18.18 -14.45
C THR A 220 -1.74 17.87 -15.77
N TYR A 221 -1.64 16.61 -16.20
CA TYR A 221 -2.28 16.14 -17.43
C TYR A 221 -3.53 15.31 -17.10
N PHE A 222 -4.42 15.17 -18.09
CA PHE A 222 -5.64 14.38 -17.93
C PHE A 222 -5.35 12.89 -17.80
N SER A 223 -4.54 12.36 -18.73
CA SER A 223 -4.18 10.94 -18.71
C SER A 223 -2.77 10.76 -18.20
N CYS A 224 -2.65 10.10 -17.04
CA CYS A 224 -1.36 9.83 -16.41
C CYS A 224 -1.38 8.51 -15.66
N THR A 225 -0.23 7.87 -15.56
CA THR A 225 -0.09 6.61 -14.82
C THR A 225 0.04 6.87 -13.32
N SER A 226 0.45 8.08 -12.98
CA SER A 226 0.70 8.48 -11.60
C SER A 226 -0.57 8.56 -10.74
N ALA A 227 -0.36 8.62 -9.43
CA ALA A 227 -1.45 8.64 -8.45
C ALA A 227 -2.16 10.00 -8.41
N HIS A 228 -3.29 10.05 -7.69
CA HIS A 228 -4.03 11.29 -7.47
C HIS A 228 -3.24 12.28 -6.60
N THR A 229 -2.33 11.74 -5.80
CA THR A 229 -1.52 12.54 -4.88
C THR A 229 -0.13 12.88 -5.45
N SER A 230 0.05 12.64 -6.74
CA SER A 230 1.25 13.05 -7.46
C SER A 230 0.99 14.42 -8.10
N THR A 231 1.21 15.46 -7.31
CA THR A 231 0.84 16.83 -7.69
C THR A 231 2.03 17.80 -7.78
N GLY A 232 3.21 17.32 -7.42
CA GLY A 232 4.43 18.13 -7.44
C GLY A 232 4.34 19.31 -6.48
N ASP A 233 4.17 19.00 -5.20
CA ASP A 233 3.97 20.01 -4.18
C ASP A 233 5.26 20.71 -3.77
N GLY A 234 6.34 19.95 -3.62
CA GLY A 234 7.65 20.50 -3.27
C GLY A 234 8.26 21.28 -4.42
N THR A 235 7.93 20.88 -5.65
CA THR A 235 8.37 21.58 -6.85
C THR A 235 7.73 22.98 -6.89
N ALA A 236 6.49 23.07 -6.43
CA ALA A 236 5.78 24.35 -6.34
C ALA A 236 6.14 25.11 -5.06
N MET A 237 6.58 24.38 -4.03
CA MET A 237 7.07 24.99 -2.79
C MET A 237 8.35 25.77 -3.05
N VAL A 238 9.22 25.19 -3.87
CA VAL A 238 10.46 25.85 -4.30
C VAL A 238 10.14 27.02 -5.23
N THR A 239 9.14 26.82 -6.10
CA THR A 239 8.68 27.85 -7.04
C THR A 239 8.25 29.15 -6.36
N ARG A 240 7.44 29.02 -5.31
CA ARG A 240 6.92 30.17 -4.55
C ARG A 240 8.02 30.93 -3.79
N ALA A 241 9.07 30.20 -3.41
CA ALA A 241 10.19 30.78 -2.66
C ALA A 241 11.13 31.61 -3.55
N GLY A 242 10.81 31.72 -4.83
CA GLY A 242 11.59 32.53 -5.78
C GLY A 242 12.74 31.77 -6.42
N LEU A 243 12.94 30.52 -5.99
CA LEU A 243 13.99 29.66 -6.53
C LEU A 243 13.57 29.06 -7.87
N PRO A 244 14.55 28.69 -8.72
CA PRO A 244 14.24 28.19 -10.06
C PRO A 244 13.78 26.74 -10.07
N CYS A 245 13.28 26.30 -11.23
CA CYS A 245 12.95 24.89 -11.46
C CYS A 245 13.47 24.46 -12.82
N GLN A 246 14.15 23.32 -12.82
CA GLN A 246 14.93 22.86 -13.96
C GLN A 246 14.17 21.91 -14.88
N ASP A 247 14.32 22.11 -16.19
CA ASP A 247 13.84 21.21 -17.23
C ASP A 247 12.41 20.67 -17.04
N LEU A 248 11.48 21.56 -16.71
CA LEU A 248 10.12 21.16 -16.41
C LEU A 248 9.29 20.78 -17.63
N GLU A 249 9.73 21.21 -18.80
CA GLU A 249 9.01 20.93 -20.05
C GLU A 249 9.16 19.47 -20.50
N PHE A 250 10.23 18.82 -20.05
CA PHE A 250 10.48 17.42 -20.38
C PHE A 250 9.59 16.50 -19.54
N VAL A 251 8.62 15.88 -20.19
CA VAL A 251 7.64 15.03 -19.53
C VAL A 251 7.65 13.63 -20.18
N GLN A 252 7.92 12.62 -19.36
CA GLN A 252 8.01 11.23 -19.82
C GLN A 252 6.66 10.67 -20.24
N PHE A 253 6.56 10.33 -21.52
CA PHE A 253 5.40 9.62 -22.04
C PHE A 253 5.74 8.13 -22.14
N HIS A 254 5.18 7.35 -21.21
CA HIS A 254 5.39 5.90 -21.21
C HIS A 254 4.52 5.25 -22.28
N PRO A 255 5.12 4.36 -23.10
CA PRO A 255 4.42 3.75 -24.23
C PRO A 255 3.24 2.88 -23.81
N THR A 256 3.44 2.04 -22.80
CA THR A 256 2.47 1.02 -22.42
C THR A 256 1.62 1.39 -21.20
N GLY A 257 0.42 1.89 -21.46
CA GLY A 257 -0.53 2.23 -20.41
C GLY A 257 -1.95 1.89 -20.81
N ILE A 258 -2.65 1.15 -19.95
CA ILE A 258 -4.00 0.66 -20.24
C ILE A 258 -4.96 1.75 -20.74
N TYR A 259 -5.62 1.46 -21.85
CA TYR A 259 -6.55 2.38 -22.52
C TYR A 259 -7.64 2.95 -21.61
N GLY A 260 -8.05 2.18 -20.60
CA GLY A 260 -9.12 2.57 -19.69
C GLY A 260 -8.79 3.70 -18.74
N ALA A 261 -8.50 3.35 -17.48
CA ALA A 261 -8.23 4.33 -16.43
C ALA A 261 -6.89 5.04 -16.59
N GLY A 262 -5.99 4.45 -17.39
CA GLY A 262 -4.66 5.01 -17.62
C GLY A 262 -3.60 4.40 -16.73
N CYS A 263 -3.87 3.19 -16.23
CA CYS A 263 -2.94 2.47 -15.35
C CYS A 263 -1.70 2.03 -16.12
N LEU A 264 -0.64 1.68 -15.38
CA LEU A 264 0.59 1.25 -16.00
C LEU A 264 0.75 -0.27 -16.01
N ILE A 265 0.98 -0.82 -17.21
CA ILE A 265 1.62 -2.12 -17.33
C ILE A 265 3.06 -1.89 -17.77
N THR A 266 3.99 -2.52 -17.08
CA THR A 266 5.42 -2.17 -17.14
C THR A 266 6.11 -2.34 -18.50
N GLU A 267 7.27 -1.71 -18.63
CA GLU A 267 8.17 -1.90 -19.76
C GLU A 267 8.87 -3.26 -19.64
N GLY A 268 8.80 -3.84 -18.44
CA GLY A 268 9.30 -5.19 -18.19
C GLY A 268 8.56 -6.26 -18.96
N CYS A 269 7.36 -5.91 -19.43
CA CYS A 269 6.58 -6.78 -20.32
C CYS A 269 7.32 -6.99 -21.63
N ARG A 270 7.89 -5.91 -22.16
CA ARG A 270 8.70 -5.95 -23.38
C ARG A 270 10.08 -6.57 -23.14
N GLY A 271 10.54 -6.54 -21.89
CA GLY A 271 11.83 -7.12 -21.52
C GLY A 271 11.83 -8.64 -21.49
N GLU A 272 10.72 -9.22 -21.05
CA GLU A 272 10.56 -10.67 -20.99
C GLU A 272 10.30 -11.27 -22.39
N GLY A 273 9.55 -10.54 -23.21
CA GLY A 273 9.26 -10.97 -24.58
C GLY A 273 7.99 -10.37 -25.18
N GLY A 274 7.58 -9.22 -24.64
CA GLY A 274 6.37 -8.54 -25.11
C GLY A 274 6.57 -7.82 -26.43
N ILE A 275 5.53 -7.85 -27.26
CA ILE A 275 5.59 -7.26 -28.61
C ILE A 275 4.45 -6.25 -28.79
N LEU A 276 4.74 -5.18 -29.54
CA LEU A 276 3.73 -4.16 -29.86
C LEU A 276 3.26 -4.29 -31.31
N ILE A 277 1.95 -4.48 -31.47
CA ILE A 277 1.34 -4.75 -32.78
C ILE A 277 0.26 -3.73 -33.12
N ASN A 278 0.30 -3.21 -34.34
CA ASN A 278 -0.76 -2.30 -34.84
C ASN A 278 -1.96 -3.07 -35.42
N SER A 279 -3.00 -2.32 -35.77
CA SER A 279 -4.27 -2.90 -36.24
C SER A 279 -4.14 -3.86 -37.42
N GLN A 280 -3.25 -3.54 -38.35
CA GLN A 280 -3.07 -4.33 -39.58
C GLN A 280 -2.35 -5.65 -39.33
N GLY A 281 -1.58 -5.71 -38.25
CA GLY A 281 -0.88 -6.95 -37.86
C GLY A 281 0.63 -6.82 -37.78
N GLU A 282 1.18 -5.80 -38.44
CA GLU A 282 2.61 -5.57 -38.49
C GLU A 282 3.18 -5.18 -37.13
N ARG A 283 4.30 -5.80 -36.77
CA ARG A 283 5.09 -5.37 -35.62
C ARG A 283 5.79 -4.07 -36.03
N PHE A 284 5.15 -2.94 -35.71
CA PHE A 284 5.58 -1.63 -36.21
C PHE A 284 6.95 -1.18 -35.72
N MET A 285 7.45 -1.79 -34.65
CA MET A 285 8.77 -1.48 -34.12
C MET A 285 9.88 -2.15 -34.93
N GLU A 286 9.78 -2.03 -36.25
CA GLU A 286 10.79 -2.48 -37.20
C GLU A 286 10.98 -1.39 -38.24
N ARG A 287 9.91 -0.64 -38.50
CA ARG A 287 9.92 0.52 -39.39
C ARG A 287 10.63 1.70 -38.71
N TYR A 288 10.54 1.76 -37.38
CA TYR A 288 11.11 2.86 -36.61
C TYR A 288 12.50 2.53 -36.04
N ALA A 289 12.57 1.50 -35.20
CA ALA A 289 13.81 1.12 -34.53
C ALA A 289 14.20 -0.33 -34.79
N PRO A 290 14.89 -0.59 -35.92
CA PRO A 290 15.29 -1.96 -36.27
C PRO A 290 16.51 -2.44 -35.47
N VAL A 291 17.28 -1.51 -34.92
CA VAL A 291 18.51 -1.83 -34.19
C VAL A 291 18.22 -2.55 -32.87
N ALA A 292 17.32 -1.97 -32.06
CA ALA A 292 16.99 -2.52 -30.75
C ALA A 292 15.52 -2.95 -30.62
N LYS A 293 14.95 -3.40 -31.74
CA LYS A 293 13.58 -3.94 -31.79
C LYS A 293 12.55 -3.02 -31.11
N ASP A 294 11.69 -3.61 -30.29
CA ASP A 294 10.68 -2.86 -29.52
C ASP A 294 11.17 -2.49 -28.11
N LEU A 295 12.45 -2.73 -27.85
CA LEU A 295 13.05 -2.43 -26.56
C LEU A 295 13.93 -1.16 -26.63
N ALA A 296 13.45 -0.19 -27.41
CA ALA A 296 14.15 1.08 -27.58
C ALA A 296 13.85 2.05 -26.43
N SER A 297 14.37 3.27 -26.53
CA SER A 297 14.22 4.29 -25.50
C SER A 297 12.75 4.63 -25.23
N ARG A 298 12.44 4.96 -23.97
CA ARG A 298 11.07 5.21 -23.52
C ARG A 298 10.36 6.35 -24.25
N ASP A 299 11.14 7.19 -24.95
CA ASP A 299 10.56 8.27 -25.76
C ASP A 299 10.33 7.86 -27.21
N VAL A 300 11.25 7.07 -27.76
CA VAL A 300 11.20 6.64 -29.17
C VAL A 300 10.05 5.65 -29.41
N VAL A 301 9.82 4.76 -28.45
CA VAL A 301 8.77 3.75 -28.54
C VAL A 301 7.38 4.39 -28.52
N SER A 302 7.14 5.28 -27.55
CA SER A 302 5.86 5.96 -27.39
C SER A 302 5.57 6.93 -28.54
N ARG A 303 6.63 7.55 -29.06
CA ARG A 303 6.53 8.49 -30.17
C ARG A 303 6.22 7.76 -31.48
N SER A 304 6.65 6.50 -31.57
CA SER A 304 6.33 5.63 -32.70
C SER A 304 4.86 5.22 -32.66
N MET A 305 4.35 5.01 -31.44
CA MET A 305 2.95 4.62 -31.24
C MET A 305 1.99 5.73 -31.61
N THR A 306 2.33 6.96 -31.21
CA THR A 306 1.49 8.14 -31.48
C THR A 306 1.46 8.47 -32.97
N LEU A 307 2.53 8.11 -33.67
CA LEU A 307 2.62 8.32 -35.12
C LEU A 307 1.87 7.22 -35.89
N GLU A 308 1.58 6.12 -35.22
CA GLU A 308 0.78 5.04 -35.80
C GLU A 308 -0.72 5.36 -35.76
N ILE A 309 -1.13 6.18 -34.79
CA ILE A 309 -2.50 6.67 -34.68
C ILE A 309 -2.74 7.73 -35.75
N ARG A 310 -1.69 8.51 -36.05
CA ARG A 310 -1.71 9.55 -37.07
C ARG A 310 -2.23 9.06 -38.42
N GLU A 311 -1.76 7.88 -38.84
CA GLU A 311 -2.12 7.30 -40.13
C GLU A 311 -3.57 6.81 -40.15
N GLY A 312 -4.07 6.41 -38.98
CA GLY A 312 -5.40 5.85 -38.84
C GLY A 312 -5.36 4.35 -38.60
N ARG A 313 -4.25 3.90 -38.03
CA ARG A 313 -4.01 2.48 -37.76
C ARG A 313 -4.22 2.14 -36.28
N GLY A 314 -5.31 2.67 -35.72
CA GLY A 314 -5.70 2.40 -34.33
C GLY A 314 -6.34 1.04 -34.19
N CYS A 315 -6.18 0.43 -33.01
CA CYS A 315 -6.53 -0.97 -32.79
C CYS A 315 -7.89 -1.22 -32.13
N GLY A 316 -8.65 -0.16 -31.90
CA GLY A 316 -9.97 -0.28 -31.25
C GLY A 316 -11.14 0.14 -32.12
N PRO A 317 -12.36 0.08 -31.55
CA PRO A 317 -13.57 0.58 -32.23
C PRO A 317 -13.52 2.09 -32.45
N GLU A 318 -12.76 2.79 -31.60
CA GLU A 318 -12.52 4.22 -31.75
C GLU A 318 -11.30 4.49 -32.63
N LYS A 319 -10.50 3.43 -32.85
CA LYS A 319 -9.25 3.50 -33.62
C LYS A 319 -8.28 4.53 -33.03
N ASP A 320 -7.88 4.31 -31.79
CA ASP A 320 -7.02 5.24 -31.06
C ASP A 320 -5.86 4.59 -30.31
N HIS A 321 -6.09 3.40 -29.75
CA HIS A 321 -5.07 2.71 -28.97
C HIS A 321 -4.28 1.67 -29.77
N VAL A 322 -3.22 1.14 -29.16
CA VAL A 322 -2.37 0.10 -29.76
C VAL A 322 -2.37 -1.13 -28.86
N TYR A 323 -2.02 -2.29 -29.41
CA TYR A 323 -1.99 -3.54 -28.65
C TYR A 323 -0.59 -3.95 -28.19
N LEU A 324 -0.52 -4.43 -26.94
CA LEU A 324 0.66 -5.14 -26.44
C LEU A 324 0.28 -6.61 -26.24
N GLN A 325 0.98 -7.48 -26.94
CA GLN A 325 0.61 -8.90 -26.98
C GLN A 325 1.46 -9.76 -26.04
N LEU A 326 0.77 -10.64 -25.32
CA LEU A 326 1.41 -11.63 -24.46
C LEU A 326 0.84 -13.02 -24.75
N HIS A 327 0.17 -13.14 -25.90
CA HIS A 327 -0.48 -14.36 -26.35
C HIS A 327 0.50 -15.52 -26.59
N HIS A 328 1.75 -15.18 -26.92
CA HIS A 328 2.77 -16.17 -27.28
C HIS A 328 3.70 -16.56 -26.13
N LEU A 329 3.73 -15.75 -25.06
CA LEU A 329 4.58 -16.01 -23.90
C LEU A 329 4.21 -17.29 -23.16
N PRO A 330 5.21 -18.01 -22.63
CA PRO A 330 4.98 -19.24 -21.85
C PRO A 330 4.03 -19.00 -20.68
N PRO A 331 3.14 -19.98 -20.40
CA PRO A 331 2.09 -19.85 -19.38
C PRO A 331 2.62 -19.46 -17.99
N GLU A 332 3.64 -20.16 -17.51
CA GLU A 332 4.16 -19.95 -16.16
C GLU A 332 5.14 -18.77 -16.05
N GLN A 333 5.68 -18.33 -17.19
CA GLN A 333 6.59 -17.19 -17.22
C GLN A 333 5.83 -15.88 -16.92
N LEU A 334 4.58 -15.82 -17.39
CA LEU A 334 3.71 -14.69 -17.11
C LEU A 334 3.27 -14.67 -15.64
N ALA A 335 3.03 -15.85 -15.08
CA ALA A 335 2.58 -15.99 -13.69
C ALA A 335 3.68 -15.74 -12.67
N VAL A 336 4.93 -16.05 -13.04
CA VAL A 336 6.07 -15.90 -12.15
C VAL A 336 6.73 -14.52 -12.28
N ARG A 337 6.95 -14.07 -13.51
CA ARG A 337 7.67 -12.81 -13.77
C ARG A 337 6.78 -11.56 -13.78
N LEU A 338 5.51 -11.74 -14.14
CA LEU A 338 4.58 -10.61 -14.25
C LEU A 338 3.19 -10.91 -13.65
N PRO A 339 3.13 -11.20 -12.34
CA PRO A 339 1.84 -11.57 -11.74
C PRO A 339 0.94 -10.37 -11.48
N GLY A 340 1.53 -9.20 -11.27
CA GLY A 340 0.80 -7.98 -10.96
C GLY A 340 0.03 -7.41 -12.13
N ILE A 341 0.65 -7.41 -13.31
CA ILE A 341 -0.01 -6.93 -14.53
C ILE A 341 -1.10 -7.88 -15.03
N SER A 342 -0.94 -9.17 -14.72
CA SER A 342 -1.92 -10.19 -15.08
C SER A 342 -3.27 -9.94 -14.41
N GLU A 343 -3.21 -9.40 -13.20
CA GLU A 343 -4.41 -9.10 -12.40
C GLU A 343 -5.00 -7.74 -12.72
N THR A 344 -4.14 -6.72 -12.88
CA THR A 344 -4.59 -5.35 -13.16
C THR A 344 -5.12 -5.16 -14.59
N ALA A 345 -4.70 -6.03 -15.50
CA ALA A 345 -5.23 -6.03 -16.87
C ALA A 345 -6.62 -6.66 -16.90
N MET A 346 -6.83 -7.67 -16.07
CA MET A 346 -8.13 -8.33 -15.94
C MET A 346 -9.14 -7.44 -15.19
N ILE A 347 -8.66 -6.75 -14.15
CA ILE A 347 -9.51 -5.88 -13.34
C ILE A 347 -9.99 -4.64 -14.13
N PHE A 348 -9.04 -3.93 -14.75
CA PHE A 348 -9.34 -2.67 -15.42
C PHE A 348 -9.76 -2.82 -16.88
N ALA A 349 -8.94 -3.50 -17.68
CA ALA A 349 -9.22 -3.65 -19.11
C ALA A 349 -10.15 -4.83 -19.43
N GLY A 350 -10.34 -5.72 -18.45
CA GLY A 350 -11.18 -6.90 -18.61
C GLY A 350 -10.60 -7.88 -19.61
N VAL A 351 -9.28 -8.01 -19.58
CA VAL A 351 -8.54 -8.77 -20.57
C VAL A 351 -7.70 -9.88 -19.94
N ASP A 352 -7.84 -11.10 -20.44
CA ASP A 352 -6.98 -12.21 -20.07
C ASP A 352 -5.64 -12.02 -20.77
N VAL A 353 -4.57 -11.97 -19.97
CA VAL A 353 -3.22 -11.67 -20.48
C VAL A 353 -2.65 -12.74 -21.42
N THR A 354 -2.98 -14.00 -21.16
CA THR A 354 -2.41 -15.11 -21.92
C THR A 354 -3.25 -15.55 -23.13
N LYS A 355 -4.38 -14.87 -23.34
CA LYS A 355 -5.29 -15.18 -24.45
C LYS A 355 -5.48 -14.01 -25.42
N GLU A 356 -5.47 -12.79 -24.88
CA GLU A 356 -5.74 -11.57 -25.66
C GLU A 356 -4.59 -10.56 -25.52
N PRO A 357 -4.50 -9.58 -26.45
CA PRO A 357 -3.54 -8.48 -26.29
C PRO A 357 -4.09 -7.36 -25.41
N ILE A 358 -3.19 -6.63 -24.75
CA ILE A 358 -3.55 -5.53 -23.85
C ILE A 358 -3.64 -4.21 -24.61
N PRO A 359 -4.78 -3.50 -24.48
CA PRO A 359 -4.95 -2.18 -25.11
C PRO A 359 -4.11 -1.11 -24.42
N VAL A 360 -3.03 -0.69 -25.08
CA VAL A 360 -2.10 0.29 -24.51
C VAL A 360 -2.05 1.61 -25.28
N LEU A 361 -1.70 2.68 -24.57
CA LEU A 361 -1.63 4.02 -25.14
C LEU A 361 -0.53 4.82 -24.45
N PRO A 362 0.25 5.63 -25.22
CA PRO A 362 1.26 6.51 -24.64
C PRO A 362 0.65 7.52 -23.67
N THR A 363 1.07 7.45 -22.41
CA THR A 363 0.53 8.33 -21.36
C THR A 363 1.64 8.92 -20.49
N VAL A 364 1.33 10.02 -19.82
CA VAL A 364 2.26 10.71 -18.92
C VAL A 364 2.67 9.81 -17.76
N HIS A 365 3.98 9.80 -17.47
CA HIS A 365 4.54 8.85 -16.52
C HIS A 365 5.45 9.52 -15.48
N TYR A 366 6.63 9.95 -15.94
CA TYR A 366 7.66 10.51 -15.06
C TYR A 366 7.90 11.98 -15.40
N ASN A 367 8.35 12.75 -14.41
CA ASN A 367 8.73 14.14 -14.61
C ASN A 367 10.25 14.32 -14.55
N MET A 368 10.86 14.39 -15.74
CA MET A 368 12.32 14.49 -15.87
C MET A 368 12.89 15.65 -15.07
N GLY A 369 12.18 16.78 -15.10
CA GLY A 369 12.61 17.99 -14.40
C GLY A 369 12.26 18.02 -12.93
N GLY A 370 12.47 19.18 -12.33
CA GLY A 370 12.23 19.39 -10.90
C GLY A 370 13.13 20.46 -10.33
N ILE A 371 13.44 20.32 -9.04
CA ILE A 371 14.29 21.27 -8.32
C ILE A 371 15.76 21.10 -8.74
N PRO A 372 16.42 22.19 -9.16
CA PRO A 372 17.83 22.15 -9.57
C PRO A 372 18.75 21.64 -8.47
N THR A 373 19.59 20.66 -8.81
CA THR A 373 20.38 19.94 -7.81
C THR A 373 21.73 19.49 -8.39
N ASN A 374 22.73 19.42 -7.53
CA ASN A 374 24.01 18.80 -7.88
C ASN A 374 24.06 17.33 -7.45
N TYR A 375 25.19 16.67 -7.66
CA TYR A 375 25.34 15.25 -7.33
C TYR A 375 25.28 14.97 -5.82
N LYS A 376 25.69 15.96 -5.02
CA LYS A 376 25.68 15.84 -3.57
C LYS A 376 24.27 15.96 -2.96
N GLY A 377 23.34 16.52 -3.71
CA GLY A 377 21.96 16.66 -3.25
C GLY A 377 21.57 18.08 -2.86
N GLN A 378 22.52 18.99 -2.96
CA GLN A 378 22.30 20.40 -2.62
C GLN A 378 21.49 21.11 -3.70
N VAL A 379 20.48 21.87 -3.27
CA VAL A 379 19.63 22.64 -4.19
C VAL A 379 20.39 23.84 -4.73
N LEU A 380 20.36 24.00 -6.05
CA LEU A 380 21.10 25.07 -6.72
C LEU A 380 20.21 26.23 -7.15
N ARG A 381 20.69 27.44 -6.92
CA ARG A 381 20.08 28.65 -7.49
C ARG A 381 20.97 29.18 -8.61
N HIS A 382 20.46 30.14 -9.37
CA HIS A 382 21.22 30.69 -10.49
C HIS A 382 21.57 32.16 -10.25
N VAL A 383 22.82 32.40 -9.87
CA VAL A 383 23.32 33.75 -9.61
C VAL A 383 24.39 34.14 -10.61
N ASN A 384 24.12 35.20 -11.37
CA ASN A 384 25.05 35.75 -12.36
C ASN A 384 25.53 34.71 -13.38
N GLY A 385 24.58 33.94 -13.91
CA GLY A 385 24.87 32.88 -14.88
C GLY A 385 25.71 31.73 -14.31
N GLN A 386 25.80 31.67 -12.99
CA GLN A 386 26.61 30.67 -12.30
C GLN A 386 25.77 29.89 -11.29
N ASP A 387 26.36 28.83 -10.73
CA ASP A 387 25.67 27.98 -9.76
C ASP A 387 26.05 28.32 -8.33
N GLN A 388 25.03 28.50 -7.49
CA GLN A 388 25.22 28.80 -6.08
C GLN A 388 24.41 27.84 -5.21
N VAL A 389 25.04 27.37 -4.13
CA VAL A 389 24.41 26.43 -3.21
C VAL A 389 23.43 27.17 -2.28
N VAL A 390 22.19 26.69 -2.24
CA VAL A 390 21.19 27.21 -1.30
C VAL A 390 21.40 26.51 0.05
N PRO A 391 21.74 27.30 1.09
CA PRO A 391 22.09 26.76 2.40
C PRO A 391 20.93 26.07 3.12
N GLY A 392 21.19 24.88 3.63
CA GLY A 392 20.23 24.11 4.42
C GLY A 392 19.07 23.52 3.64
N LEU A 393 19.19 23.50 2.31
CA LEU A 393 18.14 22.97 1.44
C LEU A 393 18.67 21.89 0.51
N TYR A 394 17.99 20.75 0.52
CA TYR A 394 18.36 19.59 -0.29
C TYR A 394 17.13 19.03 -0.99
N ALA A 395 17.35 18.34 -2.12
CA ALA A 395 16.26 17.70 -2.85
C ALA A 395 16.73 16.38 -3.47
N CYS A 396 15.84 15.40 -3.48
CA CYS A 396 16.13 14.08 -4.02
C CYS A 396 14.88 13.40 -4.57
N GLY A 397 15.08 12.48 -5.51
CA GLY A 397 13.98 11.71 -6.10
C GLY A 397 13.42 12.34 -7.36
N GLU A 398 12.14 12.08 -7.60
CA GLU A 398 11.43 12.62 -8.77
C GLU A 398 11.21 14.13 -8.65
N ALA A 399 11.03 14.58 -7.41
CA ALA A 399 10.84 16.00 -7.10
C ALA A 399 12.04 16.83 -7.50
N ALA A 400 13.22 16.24 -7.40
CA ALA A 400 14.47 16.92 -7.74
C ALA A 400 14.84 16.73 -9.20
N CYS A 401 15.76 17.56 -9.67
CA CYS A 401 16.38 17.39 -10.98
C CYS A 401 17.88 17.68 -10.88
N ALA A 402 18.63 16.65 -10.51
CA ALA A 402 20.08 16.68 -10.64
C ALA A 402 20.43 16.43 -12.10
N SER A 403 19.38 16.23 -12.90
CA SER A 403 19.47 15.86 -14.33
C SER A 403 20.32 14.62 -14.53
N VAL A 404 20.06 13.61 -13.70
CA VAL A 404 20.65 12.29 -13.85
C VAL A 404 19.90 11.56 -14.98
N HIS A 405 18.75 12.12 -15.37
CA HIS A 405 17.93 11.59 -16.45
C HIS A 405 18.01 12.48 -17.69
N GLY A 406 18.21 13.78 -17.47
CA GLY A 406 18.35 14.75 -18.56
C GLY A 406 17.08 14.98 -19.34
N ALA A 407 17.17 14.80 -20.67
CA ALA A 407 16.03 14.98 -21.57
C ALA A 407 15.12 13.76 -21.59
N ASN A 408 15.71 12.59 -21.39
CA ASN A 408 14.94 11.35 -21.33
C ASN A 408 15.49 10.33 -20.34
N ARG A 409 14.63 9.93 -19.40
CA ARG A 409 14.97 8.92 -18.40
C ARG A 409 14.97 7.52 -19.02
N LEU A 410 16.04 6.78 -18.76
CA LEU A 410 16.11 5.37 -19.12
C LEU A 410 15.24 4.57 -18.15
N GLY A 411 14.57 3.54 -18.67
CA GLY A 411 13.64 2.73 -17.87
C GLY A 411 14.28 2.07 -16.66
N ALA A 412 13.59 2.18 -15.53
CA ALA A 412 14.01 1.56 -14.26
C ALA A 412 15.17 2.28 -13.55
N ASN A 413 15.40 3.53 -13.90
CA ASN A 413 16.47 4.32 -13.28
C ASN A 413 16.04 5.17 -12.10
N SER A 414 14.75 5.50 -12.02
CA SER A 414 14.26 6.42 -10.98
C SER A 414 14.30 5.84 -9.57
N LEU A 415 14.10 4.53 -9.44
CA LEU A 415 14.22 3.87 -8.14
C LEU A 415 15.65 3.90 -7.64
N LEU A 416 16.59 3.84 -8.58
CA LEU A 416 18.01 4.05 -8.27
C LEU A 416 18.22 5.51 -7.86
N ASP A 417 17.69 6.42 -8.67
CA ASP A 417 17.69 7.86 -8.39
C ASP A 417 17.14 8.16 -6.99
N LEU A 418 16.13 7.41 -6.58
CA LEU A 418 15.54 7.54 -5.25
C LEU A 418 16.50 7.15 -4.14
N VAL A 419 17.00 5.92 -4.20
CA VAL A 419 17.81 5.35 -3.13
C VAL A 419 19.22 5.95 -3.09
N VAL A 420 19.81 6.22 -4.25
CA VAL A 420 21.16 6.77 -4.31
C VAL A 420 21.20 8.22 -3.81
N PHE A 421 20.37 9.08 -4.40
CA PHE A 421 20.38 10.51 -4.06
C PHE A 421 19.67 10.83 -2.74
N GLY A 422 18.83 9.91 -2.28
CA GLY A 422 18.25 10.01 -0.95
C GLY A 422 19.31 9.75 0.10
N ARG A 423 20.16 8.75 -0.17
CA ARG A 423 21.30 8.41 0.67
C ARG A 423 22.35 9.51 0.63
N ALA A 424 22.51 10.12 -0.55
CA ALA A 424 23.48 11.19 -0.76
C ALA A 424 23.18 12.43 0.10
N CYS A 425 21.89 12.78 0.19
CA CYS A 425 21.45 13.92 0.98
C CYS A 425 21.74 13.74 2.47
N ALA A 426 21.54 12.51 2.95
CA ALA A 426 21.83 12.18 4.35
C ALA A 426 23.33 12.25 4.65
N LEU A 427 24.15 11.89 3.67
CA LEU A 427 25.60 11.92 3.81
C LEU A 427 26.14 13.34 3.65
N SER A 428 25.51 14.14 2.79
CA SER A 428 25.92 15.52 2.57
C SER A 428 25.66 16.41 3.78
N ILE A 429 24.65 16.04 4.58
CA ILE A 429 24.35 16.75 5.83
C ILE A 429 25.28 16.27 6.95
N ALA A 430 25.44 14.95 7.06
CA ALA A 430 26.29 14.33 8.08
C ALA A 430 27.75 14.78 7.99
N GLU A 431 28.20 15.05 6.77
CA GLU A 431 29.56 15.54 6.53
C GLU A 431 29.63 17.06 6.54
N SER A 432 28.47 17.72 6.42
CA SER A 432 28.39 19.17 6.48
C SER A 432 28.54 19.67 7.90
N CYS A 433 27.73 19.13 8.80
CA CYS A 433 27.74 19.52 10.22
C CYS A 433 27.49 18.32 11.13
N ARG A 434 27.73 18.52 12.43
CA ARG A 434 27.48 17.48 13.44
C ARG A 434 26.10 17.68 14.08
N PRO A 435 25.42 16.58 14.48
CA PRO A 435 24.12 16.70 15.13
C PRO A 435 24.23 17.35 16.52
N GLY A 436 23.86 18.62 16.59
CA GLY A 436 24.00 19.41 17.81
C GLY A 436 24.32 20.86 17.52
N ASP A 437 24.61 21.16 16.25
CA ASP A 437 24.81 22.53 15.79
C ASP A 437 23.49 23.30 15.93
N LYS A 438 23.57 24.45 16.61
CA LYS A 438 22.40 25.23 16.99
C LYS A 438 21.45 25.49 15.81
N VAL A 439 20.16 25.28 16.07
CA VAL A 439 19.12 25.47 15.05
C VAL A 439 18.89 26.96 14.84
N PRO A 440 19.02 27.43 13.58
CA PRO A 440 18.83 28.85 13.25
C PRO A 440 17.39 29.30 13.52
N SER A 441 17.24 30.22 14.47
CA SER A 441 15.93 30.70 14.90
C SER A 441 15.24 31.54 13.83
N ILE A 442 13.91 31.40 13.77
CA ILE A 442 13.09 32.08 12.77
C ILE A 442 12.24 33.18 13.41
N LYS A 443 11.98 34.25 12.66
CA LYS A 443 11.15 35.36 13.13
C LYS A 443 9.69 34.91 13.38
N PRO A 444 9.06 35.44 14.45
CA PRO A 444 7.73 35.00 14.87
C PRO A 444 6.61 35.29 13.85
N ASN A 445 6.93 36.09 12.82
CA ASN A 445 5.95 36.46 11.79
C ASN A 445 6.04 35.60 10.53
N ALA A 446 6.92 34.60 10.55
CA ALA A 446 7.20 33.76 9.38
C ALA A 446 6.07 32.80 9.04
N GLY A 447 5.94 32.48 7.76
CA GLY A 447 4.88 31.63 7.24
C GLY A 447 3.53 32.33 7.20
N GLU A 448 3.56 33.66 7.23
CA GLU A 448 2.36 34.48 7.26
C GLU A 448 1.59 34.38 5.94
N GLU A 449 2.32 34.38 4.84
CA GLU A 449 1.75 34.31 3.49
C GLU A 449 1.16 32.94 3.18
N SER A 450 1.58 31.92 3.94
CA SER A 450 1.09 30.55 3.76
C SER A 450 -0.14 30.27 4.61
N VAL A 451 -0.15 30.80 5.83
CA VAL A 451 -1.30 30.68 6.75
C VAL A 451 -2.49 31.48 6.22
N MET A 452 -2.22 32.68 5.70
CA MET A 452 -3.26 33.52 5.12
C MET A 452 -3.83 32.91 3.83
N ASN A 453 -2.97 32.23 3.07
CA ASN A 453 -3.40 31.49 1.87
C ASN A 453 -4.33 30.34 2.23
N LEU A 454 -4.03 29.68 3.35
CA LEU A 454 -4.87 28.60 3.88
C LEU A 454 -6.25 29.14 4.29
N ASP A 455 -6.25 30.28 4.98
CA ASP A 455 -7.48 30.90 5.50
C ASP A 455 -8.33 31.50 4.39
N LYS A 456 -7.67 32.00 3.34
CA LYS A 456 -8.37 32.59 2.20
C LYS A 456 -8.96 31.52 1.30
N LEU A 457 -8.33 30.35 1.27
CA LEU A 457 -8.74 29.25 0.39
C LEU A 457 -9.80 28.36 1.04
N ARG A 458 -9.88 28.41 2.36
CA ARG A 458 -10.84 27.62 3.14
C ARG A 458 -12.25 28.21 3.04
N PHE A 459 -12.33 29.54 3.06
CA PHE A 459 -13.60 30.26 3.00
C PHE A 459 -13.93 30.76 1.59
N ALA A 460 -13.16 30.29 0.60
CA ALA A 460 -13.24 30.80 -0.77
C ALA A 460 -14.61 30.66 -1.45
N ASN A 461 -15.25 31.79 -1.71
CA ASN A 461 -16.50 31.85 -2.45
C ASN A 461 -16.28 32.38 -3.86
N GLY A 462 -16.36 31.49 -4.85
CA GLY A 462 -16.12 31.86 -6.24
C GLY A 462 -17.22 31.45 -7.19
N THR A 463 -16.90 31.41 -8.48
CA THR A 463 -17.86 31.03 -9.52
C THR A 463 -17.63 29.59 -10.00
N ILE A 464 -16.37 29.18 -10.06
CA ILE A 464 -16.00 27.80 -10.44
C ILE A 464 -15.35 27.06 -9.27
N ARG A 465 -15.68 25.79 -9.14
CA ARG A 465 -15.20 24.97 -8.01
C ARG A 465 -13.87 24.27 -8.29
N THR A 466 -13.32 23.61 -7.27
CA THR A 466 -12.02 22.95 -7.31
C THR A 466 -11.89 21.98 -8.49
N SER A 467 -12.93 21.19 -8.71
CA SER A 467 -12.93 20.17 -9.75
C SER A 467 -13.05 20.73 -11.17
N GLU A 468 -13.76 21.85 -11.31
CA GLU A 468 -13.98 22.48 -12.61
C GLU A 468 -12.69 23.06 -13.20
N LEU A 469 -11.84 23.59 -12.32
CA LEU A 469 -10.57 24.20 -12.73
C LEU A 469 -9.48 23.14 -12.96
N ARG A 470 -9.60 22.01 -12.28
CA ARG A 470 -8.66 20.90 -12.41
C ARG A 470 -8.80 20.22 -13.78
N LEU A 471 -10.05 19.99 -14.20
CA LEU A 471 -10.35 19.38 -15.48
C LEU A 471 -9.99 20.32 -16.64
N SER A 472 -10.08 21.62 -16.38
CA SER A 472 -9.74 22.66 -17.37
C SER A 472 -8.22 22.71 -17.64
N MET A 473 -7.43 22.44 -16.62
CA MET A 473 -5.97 22.39 -16.74
C MET A 473 -5.53 21.08 -17.36
N GLN A 474 -6.08 19.97 -16.86
CA GLN A 474 -5.67 18.61 -17.25
C GLN A 474 -5.94 18.28 -18.72
N LYS A 475 -7.11 18.65 -19.22
CA LYS A 475 -7.48 18.41 -20.63
C LYS A 475 -6.71 19.31 -21.59
N SER A 476 -6.39 20.52 -21.14
CA SER A 476 -5.64 21.49 -21.95
C SER A 476 -4.19 21.06 -22.15
N MET A 477 -3.57 20.56 -21.07
CA MET A 477 -2.19 20.08 -21.14
C MET A 477 -2.09 18.79 -21.96
N GLN A 478 -3.16 17.98 -21.92
CA GLN A 478 -3.22 16.73 -22.66
C GLN A 478 -3.42 16.95 -24.16
N SER A 479 -4.02 18.08 -24.51
CA SER A 479 -4.27 18.44 -25.91
C SER A 479 -3.13 19.26 -26.52
N HIS A 480 -2.55 20.15 -25.73
CA HIS A 480 -1.52 21.07 -26.23
C HIS A 480 -0.10 20.54 -26.08
N ALA A 481 0.27 20.14 -24.87
CA ALA A 481 1.62 19.64 -24.59
C ALA A 481 1.69 18.11 -24.65
N ALA A 482 1.27 17.55 -25.78
CA ALA A 482 1.24 16.10 -26.00
C ALA A 482 2.61 15.55 -26.40
N VAL A 483 2.62 14.36 -26.99
CA VAL A 483 3.85 13.71 -27.48
C VAL A 483 4.49 14.57 -28.56
N PHE A 484 3.70 14.94 -29.56
CA PHE A 484 4.12 15.90 -30.58
C PHE A 484 3.55 17.27 -30.25
N ARG A 485 4.38 18.30 -30.33
CA ARG A 485 3.93 19.66 -30.03
C ARG A 485 4.49 20.71 -30.99
N VAL A 486 3.59 21.54 -31.51
CA VAL A 486 3.91 22.56 -32.50
C VAL A 486 3.92 23.94 -31.82
N GLY A 487 4.69 24.87 -32.39
CA GLY A 487 4.76 26.24 -31.89
C GLY A 487 3.44 27.00 -32.03
N SER A 488 2.49 26.42 -32.75
CA SER A 488 1.15 26.98 -32.93
C SER A 488 0.24 26.62 -31.77
N VAL A 489 0.25 25.35 -31.37
CA VAL A 489 -0.58 24.85 -30.27
C VAL A 489 0.02 25.14 -28.89
N LEU A 490 1.35 25.16 -28.80
CA LEU A 490 2.02 25.46 -27.54
C LEU A 490 1.84 26.93 -27.15
N GLN A 491 1.84 27.81 -28.14
CA GLN A 491 1.60 29.24 -27.93
C GLN A 491 0.13 29.48 -27.55
N GLU A 492 -0.77 28.71 -28.17
CA GLU A 492 -2.20 28.76 -27.86
C GLU A 492 -2.48 28.23 -26.46
N GLY A 493 -1.73 27.20 -26.07
CA GLY A 493 -1.87 26.60 -24.74
C GLY A 493 -1.37 27.48 -23.62
N CYS A 494 -0.44 28.38 -23.94
CA CYS A 494 0.20 29.25 -22.94
C CYS A 494 -0.77 30.21 -22.26
N GLU A 495 -1.42 31.09 -23.04
CA GLU A 495 -2.38 32.04 -22.47
C GLU A 495 -3.69 31.34 -22.06
N LYS A 496 -3.82 30.08 -22.45
CA LYS A 496 -4.93 29.25 -22.00
C LYS A 496 -4.68 28.77 -20.58
N ILE A 497 -3.42 28.41 -20.29
CA ILE A 497 -3.00 28.04 -18.93
C ILE A 497 -2.86 29.29 -18.05
N LEU A 498 -2.27 30.34 -18.61
CA LEU A 498 -2.07 31.61 -17.91
C LEU A 498 -3.37 32.23 -17.39
N ARG A 499 -4.43 32.12 -18.20
CA ARG A 499 -5.75 32.61 -17.82
C ARG A 499 -6.32 31.82 -16.63
N LEU A 500 -6.06 30.52 -16.61
CA LEU A 500 -6.54 29.64 -15.54
C LEU A 500 -5.86 29.91 -14.20
N TYR A 501 -4.70 30.57 -14.25
CA TYR A 501 -4.01 31.00 -13.03
C TYR A 501 -4.70 32.23 -12.45
N GLY A 502 -5.28 33.05 -13.32
CA GLY A 502 -6.09 34.18 -12.90
C GLY A 502 -7.45 33.73 -12.40
N ASP A 503 -7.86 32.53 -12.80
CA ASP A 503 -9.13 31.93 -12.38
C ASP A 503 -9.09 31.44 -10.93
N LEU A 504 -7.89 31.35 -10.36
CA LEU A 504 -7.70 30.93 -8.97
C LEU A 504 -8.35 31.90 -7.98
N GLN A 505 -8.63 33.11 -8.44
CA GLN A 505 -9.33 34.11 -7.63
C GLN A 505 -10.82 33.79 -7.53
N HIS A 506 -11.31 32.98 -8.47
CA HIS A 506 -12.73 32.65 -8.55
C HIS A 506 -13.03 31.22 -8.05
N LEU A 507 -12.28 30.77 -7.04
CA LEU A 507 -12.42 29.41 -6.53
C LEU A 507 -13.59 29.23 -5.57
N LYS A 508 -14.37 28.17 -5.80
CA LYS A 508 -15.52 27.84 -4.98
C LYS A 508 -15.20 26.64 -4.09
N THR A 509 -15.24 26.86 -2.78
CA THR A 509 -15.03 25.80 -1.78
C THR A 509 -16.35 25.50 -1.09
N PHE A 510 -16.51 24.26 -0.64
CA PHE A 510 -17.73 23.82 0.03
C PHE A 510 -17.55 23.55 1.52
N ASP A 511 -16.42 22.94 1.89
CA ASP A 511 -16.15 22.58 3.27
C ASP A 511 -15.48 23.72 4.04
N ARG A 512 -15.97 23.98 5.25
CA ARG A 512 -15.40 24.99 6.14
C ARG A 512 -14.88 24.37 7.44
N GLY A 513 -14.71 23.05 7.44
CA GLY A 513 -14.25 22.32 8.61
C GLY A 513 -12.73 22.24 8.73
N MET A 514 -12.25 22.04 9.95
CA MET A 514 -10.83 21.92 10.23
C MET A 514 -10.32 20.50 10.04
N VAL A 515 -11.06 19.55 10.62
CA VAL A 515 -10.68 18.14 10.59
C VAL A 515 -10.93 17.55 9.20
N TRP A 516 -9.85 17.08 8.59
CA TRP A 516 -9.88 16.41 7.28
C TRP A 516 -10.73 17.14 6.23
N ASN A 517 -10.17 18.22 5.70
CA ASN A 517 -10.81 18.97 4.63
C ASN A 517 -10.15 18.62 3.30
N THR A 518 -10.60 17.51 2.69
CA THR A 518 -10.06 17.06 1.40
C THR A 518 -10.42 18.02 0.26
N ASP A 519 -11.49 18.78 0.45
CA ASP A 519 -11.89 19.80 -0.52
C ASP A 519 -10.89 20.95 -0.55
N LEU A 520 -10.34 21.29 0.61
CA LEU A 520 -9.35 22.36 0.73
C LEU A 520 -7.97 21.95 0.22
N VAL A 521 -7.54 20.73 0.58
CA VAL A 521 -6.20 20.26 0.23
C VAL A 521 -6.05 19.84 -1.23
N GLU A 522 -7.17 19.57 -1.89
CA GLU A 522 -7.18 19.39 -3.34
C GLU A 522 -6.94 20.74 -4.02
N THR A 523 -7.49 21.80 -3.41
CA THR A 523 -7.31 23.16 -3.90
C THR A 523 -5.90 23.65 -3.63
N LEU A 524 -5.33 23.22 -2.50
CA LEU A 524 -3.92 23.46 -2.20
C LEU A 524 -3.03 22.72 -3.20
N GLU A 525 -3.45 21.51 -3.57
CA GLU A 525 -2.79 20.75 -4.62
C GLU A 525 -2.97 21.42 -5.97
N LEU A 526 -4.13 22.04 -6.19
CA LEU A 526 -4.43 22.73 -7.44
C LEU A 526 -3.53 23.95 -7.68
N GLN A 527 -3.31 24.73 -6.62
CA GLN A 527 -2.40 25.87 -6.67
C GLN A 527 -0.97 25.41 -6.98
N ASN A 528 -0.60 24.26 -6.41
CA ASN A 528 0.69 23.64 -6.65
C ASN A 528 0.80 23.02 -8.05
N LEU A 529 -0.30 22.46 -8.53
CA LEU A 529 -0.36 21.87 -9.87
C LEU A 529 -0.22 22.92 -10.97
N MET A 530 -0.81 24.10 -10.73
CA MET A 530 -0.76 25.20 -11.69
C MET A 530 0.65 25.72 -11.92
N LEU A 531 1.40 25.91 -10.84
CA LEU A 531 2.79 26.36 -10.92
C LEU A 531 3.65 25.36 -11.68
N CYS A 532 3.31 24.08 -11.55
CA CYS A 532 3.98 23.01 -12.29
C CYS A 532 3.31 22.74 -13.63
N ALA A 533 2.42 23.65 -14.04
CA ALA A 533 1.76 23.60 -15.34
C ALA A 533 2.21 24.76 -16.21
N LEU A 534 2.33 25.94 -15.60
CA LEU A 534 2.80 27.14 -16.32
C LEU A 534 4.24 27.00 -16.79
N GLN A 535 5.08 26.45 -15.92
CA GLN A 535 6.51 26.29 -16.22
C GLN A 535 6.76 25.16 -17.23
N THR A 536 5.84 24.20 -17.28
CA THR A 536 5.92 23.08 -18.23
C THR A 536 5.58 23.54 -19.64
N ILE A 537 4.60 24.43 -19.77
CA ILE A 537 4.11 24.90 -21.07
C ILE A 537 4.94 26.07 -21.65
N TYR A 538 5.40 26.96 -20.77
CA TYR A 538 6.23 28.09 -21.18
C TYR A 538 7.66 27.65 -21.54
N GLY A 539 8.17 26.67 -20.81
CA GLY A 539 9.49 26.09 -21.09
C GLY A 539 9.53 25.33 -22.39
N ALA A 540 8.39 24.73 -22.77
CA ALA A 540 8.27 23.96 -24.00
C ALA A 540 8.16 24.83 -25.24
N GLU A 541 7.45 25.96 -25.12
CA GLU A 541 7.23 26.86 -26.25
C GLU A 541 8.48 27.66 -26.61
N ALA A 542 9.33 27.91 -25.60
CA ALA A 542 10.57 28.65 -25.79
C ALA A 542 11.67 27.75 -26.36
N ARG A 543 11.66 26.48 -25.97
CA ARG A 543 12.61 25.49 -26.48
C ARG A 543 12.21 25.06 -27.88
N LYS A 544 13.12 25.26 -28.84
CA LYS A 544 12.85 24.99 -30.24
C LYS A 544 13.84 23.97 -30.81
N GLU A 545 13.67 22.71 -30.40
CA GLU A 545 14.46 21.59 -30.89
C GLU A 545 13.78 20.25 -30.54
N SER A 546 14.20 19.18 -31.22
CA SER A 546 13.75 17.84 -30.88
C SER A 546 14.80 17.09 -30.07
N ARG A 547 14.56 16.99 -28.77
CA ARG A 547 15.47 16.32 -27.84
C ARG A 547 14.67 15.52 -26.82
N GLY A 548 14.97 14.22 -26.74
CA GLY A 548 14.31 13.32 -25.79
C GLY A 548 12.81 13.25 -25.95
N ALA A 549 12.10 13.59 -24.87
CA ALA A 549 10.64 13.57 -24.85
C ALA A 549 10.04 14.77 -25.59
N HIS A 550 10.71 15.92 -25.49
CA HIS A 550 10.27 17.15 -26.13
C HIS A 550 10.67 17.16 -27.60
N ALA A 551 9.73 16.79 -28.46
CA ALA A 551 9.97 16.77 -29.90
C ALA A 551 9.09 17.79 -30.62
N ARG A 552 9.73 18.80 -31.21
CA ARG A 552 9.04 19.84 -31.94
C ARG A 552 8.82 19.44 -33.39
N GLU A 553 7.64 19.74 -33.91
CA GLU A 553 7.29 19.48 -35.31
C GLU A 553 8.03 20.43 -36.24
N ASP A 554 8.01 21.72 -35.89
CA ASP A 554 8.68 22.76 -36.66
C ASP A 554 10.21 22.69 -36.55
N PHE A 555 10.70 22.41 -35.34
CA PHE A 555 12.11 22.28 -35.05
C PHE A 555 12.46 20.82 -34.73
N LYS A 556 12.54 20.02 -35.79
CA LYS A 556 12.74 18.57 -35.67
C LYS A 556 14.22 18.16 -35.53
N GLU A 557 15.10 19.16 -35.46
CA GLU A 557 16.55 18.91 -35.41
C GLU A 557 17.13 19.03 -34.00
N ARG A 558 18.26 18.35 -33.79
CA ARG A 558 19.05 18.48 -32.56
C ARG A 558 19.97 19.69 -32.64
N VAL A 559 19.74 20.66 -31.76
CA VAL A 559 20.55 21.88 -31.75
C VAL A 559 21.60 21.81 -30.64
N ASP A 560 22.81 21.39 -31.01
CA ASP A 560 23.95 21.29 -30.09
C ASP A 560 24.97 22.38 -30.40
N GLU A 561 26.07 22.39 -29.65
CA GLU A 561 27.15 23.35 -29.86
C GLU A 561 27.85 23.09 -31.19
N TYR A 562 27.93 21.81 -31.56
CA TYR A 562 28.47 21.39 -32.84
C TYR A 562 27.47 20.50 -33.58
N ASP A 563 27.63 20.40 -34.89
CA ASP A 563 26.90 19.42 -35.69
C ASP A 563 27.64 18.09 -35.57
N TYR A 564 27.22 17.29 -34.60
CA TYR A 564 27.95 16.08 -34.20
C TYR A 564 27.87 14.89 -35.15
N SER A 565 27.23 15.07 -36.31
CA SER A 565 27.21 14.05 -37.34
C SER A 565 28.58 13.98 -38.03
N LYS A 566 29.09 15.13 -38.46
CA LYS A 566 30.41 15.25 -39.06
C LYS A 566 31.50 15.38 -37.98
N PRO A 567 32.76 15.01 -38.32
CA PRO A 567 33.87 15.09 -37.36
C PRO A 567 34.11 16.49 -36.81
N ILE A 568 34.47 16.56 -35.53
CA ILE A 568 34.75 17.83 -34.85
C ILE A 568 36.18 18.31 -35.10
N GLN A 569 36.33 19.31 -35.97
CA GLN A 569 37.62 19.91 -36.29
C GLN A 569 37.42 21.31 -36.88
N GLY A 570 36.96 21.35 -38.13
CA GLY A 570 36.70 22.61 -38.83
C GLY A 570 35.32 23.16 -38.54
N GLN A 571 35.01 23.32 -37.26
CA GLN A 571 33.71 23.81 -36.83
C GLN A 571 33.84 24.94 -35.81
N GLN A 572 33.06 25.99 -36.02
CA GLN A 572 33.02 27.12 -35.09
C GLN A 572 32.03 26.82 -33.96
N LYS A 573 32.48 26.95 -32.73
CA LYS A 573 31.65 26.71 -31.55
C LYS A 573 30.56 27.77 -31.42
N LYS A 574 29.31 27.33 -31.40
CA LYS A 574 28.17 28.21 -31.23
C LYS A 574 28.13 28.75 -29.80
N PRO A 575 27.86 30.06 -29.65
CA PRO A 575 27.69 30.68 -28.33
C PRO A 575 26.55 30.05 -27.53
N PHE A 576 26.60 30.22 -26.21
CA PHE A 576 25.66 29.58 -25.29
C PHE A 576 24.18 29.90 -25.58
N GLN A 577 23.91 31.10 -26.06
CA GLN A 577 22.55 31.55 -26.37
C GLN A 577 22.14 31.27 -27.83
N GLU A 578 22.66 30.18 -28.39
CA GLU A 578 22.33 29.77 -29.76
C GLU A 578 22.11 28.27 -29.93
N HIS A 579 22.51 27.49 -28.93
CA HIS A 579 22.21 26.06 -28.88
C HIS A 579 21.35 25.73 -27.67
N TRP A 580 20.47 24.74 -27.83
CA TRP A 580 19.54 24.37 -26.76
C TRP A 580 20.01 23.18 -25.93
N ARG A 581 21.31 22.91 -25.95
CA ARG A 581 21.91 21.90 -25.07
C ARG A 581 22.22 22.54 -23.72
N LYS A 582 21.16 23.00 -23.06
CA LYS A 582 21.25 23.70 -21.79
C LYS A 582 19.99 23.48 -20.97
N HIS A 583 20.11 23.60 -19.65
CA HIS A 583 18.98 23.36 -18.74
C HIS A 583 18.04 24.56 -18.69
N THR A 584 16.75 24.29 -18.86
CA THR A 584 15.71 25.33 -18.85
C THR A 584 15.28 25.65 -17.42
N LEU A 585 15.85 26.72 -16.87
CA LEU A 585 15.50 27.18 -15.53
C LEU A 585 14.37 28.20 -15.61
N SER A 586 13.29 27.93 -14.86
CA SER A 586 12.10 28.76 -14.93
C SER A 586 11.71 29.36 -13.58
N TYR A 587 11.41 30.66 -13.61
CA TYR A 587 10.89 31.38 -12.45
C TYR A 587 9.47 31.84 -12.76
N VAL A 588 8.75 32.27 -11.72
CA VAL A 588 7.40 32.82 -11.90
C VAL A 588 6.98 33.74 -10.74
N ASP A 589 6.56 34.96 -11.09
CA ASP A 589 5.99 35.88 -10.11
C ASP A 589 4.61 35.39 -9.71
N VAL A 590 4.42 35.20 -8.41
CA VAL A 590 3.21 34.55 -7.86
C VAL A 590 1.94 35.39 -8.05
N LYS A 591 2.08 36.72 -8.05
CA LYS A 591 0.93 37.62 -8.15
C LYS A 591 0.32 37.67 -9.55
N THR A 592 1.15 37.93 -10.56
CA THR A 592 0.68 38.08 -11.94
C THR A 592 0.64 36.76 -12.71
N GLY A 593 1.54 35.84 -12.36
CA GLY A 593 1.64 34.56 -13.05
C GLY A 593 2.56 34.61 -14.26
N LYS A 594 3.39 35.64 -14.33
CA LYS A 594 4.33 35.83 -15.43
C LYS A 594 5.51 34.87 -15.29
N VAL A 595 5.79 34.13 -16.36
CA VAL A 595 6.88 33.15 -16.35
C VAL A 595 8.11 33.67 -17.09
N SER A 596 9.17 33.97 -16.32
CA SER A 596 10.46 34.36 -16.88
C SER A 596 11.46 33.22 -16.72
N LEU A 597 12.29 33.02 -17.73
CA LEU A 597 13.18 31.85 -17.78
C LEU A 597 14.59 32.15 -18.29
N GLU A 598 15.58 31.65 -17.56
CA GLU A 598 16.98 31.71 -17.99
C GLU A 598 17.57 30.29 -18.09
N TYR A 599 18.86 30.18 -18.39
CA TYR A 599 19.45 28.87 -18.70
C TYR A 599 20.76 28.56 -17.97
N ARG A 600 20.96 27.27 -17.69
CA ARG A 600 22.16 26.77 -17.03
C ARG A 600 22.88 25.76 -17.93
N PRO A 601 24.22 25.88 -18.05
CA PRO A 601 24.99 24.94 -18.86
C PRO A 601 24.93 23.51 -18.33
N VAL A 602 24.94 22.54 -19.24
CA VAL A 602 24.99 21.13 -18.88
C VAL A 602 26.37 20.76 -18.34
N ILE A 603 26.39 19.84 -17.38
CA ILE A 603 27.64 19.37 -16.80
C ILE A 603 28.16 18.18 -17.61
N ASP A 604 29.33 18.35 -18.23
CA ASP A 604 29.92 17.31 -19.06
C ASP A 604 31.01 16.52 -18.33
N LYS A 605 31.79 17.21 -17.50
CA LYS A 605 32.88 16.57 -16.76
C LYS A 605 32.36 15.64 -15.67
N THR A 606 32.87 14.41 -15.66
CA THR A 606 32.50 13.41 -14.67
C THR A 606 33.28 13.62 -13.37
N LEU A 607 33.00 12.79 -12.37
CA LEU A 607 33.67 12.88 -11.07
C LEU A 607 35.15 12.51 -11.16
N ASN A 608 35.46 11.53 -11.99
CA ASN A 608 36.85 11.15 -12.27
C ASN A 608 36.99 10.64 -13.70
N GLU A 609 37.76 11.37 -14.50
CA GLU A 609 37.96 11.05 -15.92
C GLU A 609 38.67 9.71 -16.10
N ALA A 610 39.64 9.44 -15.23
CA ALA A 610 40.44 8.21 -15.31
C ALA A 610 39.63 6.96 -14.97
N ASP A 611 38.70 7.09 -14.02
CA ASP A 611 37.84 5.97 -13.61
C ASP A 611 36.63 5.81 -14.52
N CYS A 612 36.19 6.92 -15.10
CA CYS A 612 35.02 6.93 -15.99
C CYS A 612 35.10 8.10 -16.98
N ALA A 613 35.27 7.76 -18.25
CA ALA A 613 35.47 8.76 -19.31
C ALA A 613 34.17 9.47 -19.71
N THR A 614 34.30 10.75 -20.07
CA THR A 614 33.18 11.55 -20.54
C THR A 614 32.75 11.11 -21.94
N VAL A 615 31.44 10.90 -22.11
CA VAL A 615 30.88 10.50 -23.40
C VAL A 615 30.45 11.73 -24.20
N PRO A 616 31.12 11.98 -25.34
CA PRO A 616 30.79 13.11 -26.22
C PRO A 616 29.45 12.89 -26.94
N PRO A 617 28.73 13.98 -27.24
CA PRO A 617 27.44 13.90 -27.96
C PRO A 617 27.55 13.27 -29.35
N ALA A 618 26.53 12.50 -29.72
CA ALA A 618 26.45 11.84 -31.04
C ALA A 618 24.99 11.63 -31.45
N ILE A 619 24.77 11.25 -32.70
CA ILE A 619 23.44 10.95 -33.21
C ILE A 619 22.89 9.72 -32.49
N ARG A 620 21.64 9.79 -32.03
CA ARG A 620 21.03 8.66 -31.34
C ARG A 620 19.66 8.25 -31.92
N SER A 621 19.70 7.24 -32.78
CA SER A 621 18.51 6.58 -33.28
C SER A 621 18.61 5.11 -32.92
N TYR A 622 18.00 4.74 -31.79
CA TYR A 622 18.15 3.41 -31.21
C TYR A 622 17.44 2.33 -32.03
N PRO B 9 -30.11 7.40 -20.04
CA PRO B 9 -29.52 7.62 -18.72
C PRO B 9 -29.70 6.44 -17.78
N ARG B 10 -28.66 6.14 -17.01
CA ARG B 10 -28.67 5.03 -16.05
C ARG B 10 -28.26 5.50 -14.66
N ILE B 11 -29.24 5.98 -13.89
CA ILE B 11 -28.99 6.56 -12.57
C ILE B 11 -28.90 5.47 -11.49
N LYS B 12 -27.75 5.42 -10.82
CA LYS B 12 -27.50 4.47 -9.74
C LYS B 12 -27.60 5.17 -8.38
N LYS B 13 -28.12 4.45 -7.40
CA LYS B 13 -28.30 4.97 -6.05
C LYS B 13 -27.14 4.53 -5.14
N PHE B 14 -26.59 5.48 -4.40
CA PHE B 14 -25.51 5.21 -3.46
C PHE B 14 -25.86 5.69 -2.05
N ALA B 15 -25.82 4.77 -1.09
CA ALA B 15 -26.03 5.09 0.32
C ALA B 15 -24.68 5.15 1.04
N ILE B 16 -24.30 6.35 1.48
CA ILE B 16 -22.97 6.57 2.06
C ILE B 16 -23.03 7.06 3.50
N TYR B 17 -22.21 6.45 4.35
CA TYR B 17 -22.05 6.83 5.76
C TYR B 17 -21.41 8.20 5.87
N ARG B 18 -22.01 9.06 6.68
CA ARG B 18 -21.52 10.44 6.85
C ARG B 18 -21.49 10.87 8.31
N TRP B 19 -20.36 11.44 8.73
CA TRP B 19 -20.24 12.09 10.04
C TRP B 19 -19.25 13.24 9.98
N ASP B 20 -19.75 14.46 10.19
CA ASP B 20 -18.92 15.66 10.20
C ASP B 20 -18.58 16.05 11.64
N PRO B 21 -17.28 16.04 12.00
CA PRO B 21 -16.83 16.39 13.35
C PRO B 21 -16.88 17.89 13.64
N ASP B 22 -16.97 18.70 12.58
CA ASP B 22 -17.07 20.15 12.72
C ASP B 22 -18.51 20.63 12.53
N LYS B 23 -19.43 20.06 13.30
CA LYS B 23 -20.86 20.36 13.17
C LYS B 23 -21.59 20.42 14.53
N THR B 24 -20.83 20.36 15.61
CA THR B 24 -21.33 20.47 16.99
C THR B 24 -22.45 19.48 17.34
N GLY B 25 -22.06 18.35 17.93
CA GLY B 25 -23.00 17.32 18.34
C GLY B 25 -23.75 16.67 17.20
N ASP B 26 -23.03 16.40 16.12
CA ASP B 26 -23.60 15.74 14.94
C ASP B 26 -23.56 14.22 15.13
N LYS B 27 -24.70 13.57 14.88
CA LYS B 27 -24.79 12.12 14.93
C LYS B 27 -24.55 11.52 13.53
N PRO B 28 -23.88 10.36 13.46
CA PRO B 28 -23.59 9.71 12.17
C PRO B 28 -24.85 9.25 11.45
N HIS B 29 -24.98 9.63 10.18
CA HIS B 29 -26.16 9.28 9.38
C HIS B 29 -25.80 8.96 7.93
N MET B 30 -26.73 8.31 7.23
CA MET B 30 -26.55 7.93 5.83
C MET B 30 -27.00 9.02 4.89
N GLN B 31 -26.39 9.07 3.70
CA GLN B 31 -26.77 10.02 2.66
C GLN B 31 -26.82 9.35 1.29
N THR B 32 -27.86 9.69 0.53
CA THR B 32 -28.07 9.13 -0.80
C THR B 32 -27.52 10.05 -1.88
N TYR B 33 -26.95 9.46 -2.94
CA TYR B 33 -26.43 10.23 -4.07
C TYR B 33 -26.86 9.64 -5.41
N GLU B 34 -27.24 10.53 -6.33
CA GLU B 34 -27.71 10.13 -7.66
C GLU B 34 -26.61 10.30 -8.70
N ILE B 35 -26.20 9.18 -9.31
CA ILE B 35 -25.10 9.18 -10.28
C ILE B 35 -25.43 8.39 -11.55
N ASP B 36 -25.26 9.04 -12.70
CA ASP B 36 -25.41 8.39 -14.00
C ASP B 36 -24.14 7.62 -14.34
N LEU B 37 -24.32 6.35 -14.74
CA LEU B 37 -23.19 5.45 -14.98
C LEU B 37 -22.63 5.50 -16.40
N ASN B 38 -23.32 6.21 -17.29
CA ASN B 38 -22.88 6.34 -18.68
C ASN B 38 -21.60 7.16 -18.82
N ASN B 39 -21.54 8.29 -18.12
CA ASN B 39 -20.34 9.12 -18.07
C ASN B 39 -19.60 8.97 -16.73
N CYS B 40 -19.44 7.71 -16.29
CA CYS B 40 -18.77 7.39 -15.04
C CYS B 40 -17.94 6.12 -15.18
N GLY B 41 -16.85 6.05 -14.41
CA GLY B 41 -15.97 4.89 -14.40
C GLY B 41 -16.63 3.64 -13.85
N PRO B 42 -16.06 2.46 -14.16
CA PRO B 42 -16.64 1.18 -13.75
C PRO B 42 -16.52 0.90 -12.25
N MET B 43 -15.56 1.53 -11.60
CA MET B 43 -15.24 1.24 -10.20
C MET B 43 -15.96 2.16 -9.21
N VAL B 44 -16.02 1.71 -7.95
CA VAL B 44 -16.71 2.43 -6.87
C VAL B 44 -16.00 3.75 -6.54
N LEU B 45 -14.67 3.73 -6.60
CA LEU B 45 -13.86 4.93 -6.35
C LEU B 45 -14.13 6.02 -7.38
N ASP B 46 -14.34 5.61 -8.64
CA ASP B 46 -14.70 6.53 -9.72
C ASP B 46 -16.02 7.22 -9.42
N ALA B 47 -16.95 6.48 -8.81
CA ALA B 47 -18.25 7.02 -8.40
C ALA B 47 -18.12 7.94 -7.18
N LEU B 48 -17.24 7.56 -6.25
CA LEU B 48 -16.95 8.38 -5.06
C LEU B 48 -16.27 9.68 -5.45
N ILE B 49 -15.37 9.61 -6.43
CA ILE B 49 -14.71 10.78 -7.01
C ILE B 49 -15.72 11.67 -7.73
N LYS B 50 -16.66 11.05 -8.44
CA LYS B 50 -17.66 11.77 -9.22
C LYS B 50 -18.56 12.66 -8.35
N ILE B 51 -19.05 12.13 -7.23
CA ILE B 51 -19.90 12.91 -6.31
C ILE B 51 -19.06 13.97 -5.58
N LYS B 52 -17.80 13.63 -5.32
CA LYS B 52 -16.84 14.57 -4.74
C LYS B 52 -16.59 15.75 -5.67
N ASN B 53 -16.48 15.45 -6.97
CA ASN B 53 -16.16 16.45 -7.97
C ASN B 53 -17.37 17.14 -8.62
N GLU B 54 -18.58 16.67 -8.29
CA GLU B 54 -19.79 17.23 -8.89
C GLU B 54 -20.90 17.53 -7.89
N ILE B 55 -21.36 16.51 -7.18
CA ILE B 55 -22.55 16.63 -6.32
C ILE B 55 -22.23 17.30 -4.98
N ASP B 56 -21.30 16.72 -4.22
CA ASP B 56 -20.96 17.22 -2.90
C ASP B 56 -19.49 16.98 -2.55
N SER B 57 -18.74 18.07 -2.38
CA SER B 57 -17.32 17.99 -2.06
C SER B 57 -17.05 18.04 -0.54
N THR B 58 -18.06 17.69 0.25
CA THR B 58 -17.91 17.57 1.70
C THR B 58 -17.55 16.12 2.06
N LEU B 59 -17.76 15.21 1.10
CA LEU B 59 -17.37 13.81 1.27
C LEU B 59 -15.85 13.71 1.35
N THR B 60 -15.37 13.12 2.45
CA THR B 60 -13.95 13.06 2.73
C THR B 60 -13.48 11.61 2.83
N PHE B 61 -12.64 11.19 1.90
CA PHE B 61 -12.16 9.80 1.86
C PHE B 61 -10.71 9.71 1.39
N ARG B 62 -10.05 8.62 1.76
CA ARG B 62 -8.66 8.37 1.36
C ARG B 62 -8.58 7.81 -0.05
N ARG B 63 -7.63 8.34 -0.83
CA ARG B 63 -7.39 7.87 -2.19
C ARG B 63 -5.92 8.10 -2.58
N SER B 64 -5.45 7.35 -3.57
CA SER B 64 -4.11 7.56 -4.15
C SER B 64 -3.93 6.91 -5.53
N CYS B 65 -3.60 5.62 -5.52
CA CYS B 65 -3.09 4.93 -6.72
C CYS B 65 -4.12 4.57 -7.78
N ARG B 66 -5.39 4.44 -7.38
CA ARG B 66 -6.45 3.88 -8.24
C ARG B 66 -5.98 2.70 -9.10
N GLU B 67 -5.17 1.84 -8.49
CA GLU B 67 -4.50 0.75 -9.17
C GLU B 67 -4.61 -0.54 -8.35
N GLY B 68 -4.89 -0.37 -7.07
CA GLY B 68 -5.07 -1.49 -6.15
C GLY B 68 -3.77 -2.03 -5.58
N ILE B 69 -2.86 -1.11 -5.22
CA ILE B 69 -1.58 -1.49 -4.60
C ILE B 69 -1.10 -0.55 -3.49
N CYS B 70 -1.88 0.49 -3.19
CA CYS B 70 -1.54 1.42 -2.10
C CYS B 70 -2.39 1.20 -0.85
N GLY B 71 -3.63 0.77 -1.06
CA GLY B 71 -4.52 0.39 0.04
C GLY B 71 -5.19 1.54 0.76
N SER B 72 -5.29 2.68 0.09
CA SER B 72 -5.92 3.87 0.68
C SER B 72 -7.43 3.78 0.69
N CYS B 73 -8.02 3.38 -0.44
CA CYS B 73 -9.47 3.32 -0.58
C CYS B 73 -10.11 2.08 0.08
N ALA B 74 -9.69 1.81 1.30
CA ALA B 74 -10.21 0.67 2.06
C ALA B 74 -11.51 1.06 2.75
N MET B 75 -12.58 0.32 2.46
CA MET B 75 -13.90 0.56 3.05
C MET B 75 -14.83 -0.64 2.91
N ASN B 76 -15.97 -0.57 3.59
CA ASN B 76 -16.97 -1.64 3.56
C ASN B 76 -18.03 -1.41 2.48
N ILE B 77 -17.89 -2.14 1.37
CA ILE B 77 -18.84 -2.06 0.26
C ILE B 77 -19.83 -3.22 0.33
N ASN B 78 -21.09 -2.89 0.62
CA ASN B 78 -22.19 -3.87 0.69
C ASN B 78 -21.95 -5.06 1.63
N GLY B 79 -21.31 -4.78 2.77
CA GLY B 79 -21.03 -5.79 3.78
C GLY B 79 -19.77 -6.60 3.55
N GLY B 80 -18.79 -5.98 2.88
CA GLY B 80 -17.52 -6.64 2.59
C GLY B 80 -16.39 -5.64 2.44
N ASN B 81 -15.33 -5.83 3.22
CA ASN B 81 -14.19 -4.92 3.23
C ASN B 81 -13.25 -5.14 2.05
N THR B 82 -13.38 -4.30 1.04
CA THR B 82 -12.52 -4.36 -0.15
C THR B 82 -12.01 -2.97 -0.54
N LEU B 83 -11.18 -2.92 -1.58
CA LEU B 83 -10.72 -1.66 -2.13
C LEU B 83 -11.72 -1.13 -3.14
N ALA B 84 -11.94 0.18 -3.11
CA ALA B 84 -12.93 0.83 -3.98
C ALA B 84 -12.51 0.85 -5.45
N CYS B 85 -11.20 0.98 -5.71
CA CYS B 85 -10.68 1.01 -7.07
C CYS B 85 -10.60 -0.38 -7.72
N THR B 86 -10.68 -1.42 -6.88
CA THR B 86 -10.68 -2.80 -7.37
C THR B 86 -12.12 -3.26 -7.63
N ARG B 87 -13.00 -3.02 -6.67
CA ARG B 87 -14.40 -3.41 -6.77
C ARG B 87 -15.16 -2.56 -7.77
N ARG B 88 -15.88 -3.22 -8.68
CA ARG B 88 -16.77 -2.53 -9.60
C ARG B 88 -18.20 -2.53 -9.10
N ILE B 89 -18.96 -1.50 -9.48
CA ILE B 89 -20.34 -1.33 -9.02
C ILE B 89 -21.27 -2.31 -9.73
N ASP B 90 -22.27 -2.80 -9.00
CA ASP B 90 -23.31 -3.65 -9.57
C ASP B 90 -24.23 -2.79 -10.45
N THR B 91 -24.31 -3.17 -11.72
CA THR B 91 -25.10 -2.42 -12.72
C THR B 91 -26.60 -2.45 -12.44
N ASN B 92 -27.04 -3.42 -11.63
CA ASN B 92 -28.44 -3.53 -11.22
C ASN B 92 -28.90 -2.32 -10.42
N LEU B 93 -29.62 -1.42 -11.09
CA LEU B 93 -30.02 -0.13 -10.52
C LEU B 93 -31.12 -0.26 -9.46
N ASP B 94 -31.74 -1.45 -9.40
CA ASP B 94 -32.80 -1.74 -8.43
C ASP B 94 -32.25 -1.84 -7.00
N LYS B 95 -30.97 -2.17 -6.89
CA LYS B 95 -30.28 -2.24 -5.60
C LYS B 95 -29.54 -0.94 -5.29
N VAL B 96 -29.52 -0.57 -4.01
CA VAL B 96 -28.77 0.59 -3.54
C VAL B 96 -27.46 0.14 -2.90
N SER B 97 -26.34 0.68 -3.41
CA SER B 97 -25.01 0.33 -2.89
C SER B 97 -24.74 1.02 -1.55
N LYS B 98 -24.49 0.21 -0.53
CA LYS B 98 -24.18 0.72 0.81
C LYS B 98 -22.68 0.82 1.02
N ILE B 99 -22.21 2.01 1.36
CA ILE B 99 -20.79 2.27 1.59
C ILE B 99 -20.53 2.73 3.02
N TYR B 100 -19.82 1.88 3.77
CA TYR B 100 -19.50 2.15 5.17
C TYR B 100 -17.98 2.16 5.36
N PRO B 101 -17.49 2.83 6.43
CA PRO B 101 -16.07 2.77 6.77
C PRO B 101 -15.69 1.39 7.33
N LEU B 102 -14.39 1.12 7.41
CA LEU B 102 -13.91 -0.14 7.96
C LEU B 102 -14.50 -0.40 9.35
N PRO B 103 -15.26 -1.49 9.49
CA PRO B 103 -16.06 -1.84 10.67
C PRO B 103 -15.28 -1.83 11.99
N HIS B 104 -15.92 -1.27 13.02
CA HIS B 104 -15.37 -1.15 14.37
C HIS B 104 -14.02 -0.40 14.42
N MET B 105 -14.03 0.81 13.89
CA MET B 105 -12.89 1.72 13.96
C MET B 105 -13.41 3.11 14.29
N TYR B 106 -12.63 3.88 15.04
CA TYR B 106 -13.00 5.25 15.40
C TYR B 106 -13.02 6.16 14.17
N VAL B 107 -14.21 6.64 13.82
CA VAL B 107 -14.39 7.46 12.62
C VAL B 107 -13.93 8.90 12.86
N ILE B 108 -13.01 9.36 12.03
CA ILE B 108 -12.51 10.73 12.09
C ILE B 108 -13.45 11.64 11.31
N LYS B 109 -13.81 11.20 10.10
CA LYS B 109 -14.78 11.87 9.24
C LYS B 109 -15.10 10.99 8.03
N ASP B 110 -16.39 10.85 7.72
CA ASP B 110 -16.88 10.21 6.49
C ASP B 110 -15.95 9.17 5.86
N LEU B 111 -16.02 7.92 6.33
CA LEU B 111 -15.27 6.81 5.72
C LEU B 111 -13.75 6.82 6.00
N VAL B 112 -13.29 7.72 6.86
CA VAL B 112 -11.88 7.77 7.24
C VAL B 112 -11.67 7.23 8.66
N PRO B 113 -11.06 6.04 8.78
CA PRO B 113 -10.79 5.40 10.06
C PRO B 113 -9.43 5.78 10.65
N ASP B 114 -9.35 5.76 11.99
CA ASP B 114 -8.09 5.99 12.69
C ASP B 114 -7.31 4.68 12.79
N LEU B 115 -6.20 4.61 12.05
CA LEU B 115 -5.41 3.38 11.95
C LEU B 115 -4.11 3.45 12.74
N SER B 116 -4.01 4.43 13.64
CA SER B 116 -2.83 4.61 14.48
C SER B 116 -2.50 3.38 15.32
N ASN B 117 -3.55 2.69 15.77
CA ASN B 117 -3.41 1.41 16.47
C ASN B 117 -2.98 0.29 15.52
N PHE B 118 -3.57 0.27 14.32
CA PHE B 118 -3.28 -0.75 13.31
C PHE B 118 -1.81 -0.72 12.88
N TYR B 119 -1.27 0.48 12.67
CA TYR B 119 0.12 0.64 12.25
C TYR B 119 1.09 0.32 13.40
N ALA B 120 0.69 0.67 14.62
CA ALA B 120 1.51 0.45 15.81
C ALA B 120 1.71 -1.03 16.11
N GLN B 121 0.70 -1.84 15.80
CA GLN B 121 0.79 -3.29 15.93
C GLN B 121 1.81 -3.85 14.93
N TYR B 122 1.80 -3.27 13.72
CA TYR B 122 2.75 -3.62 12.67
C TYR B 122 4.16 -3.16 13.04
N LYS B 123 4.24 -2.13 13.88
CA LYS B 123 5.52 -1.62 14.38
C LYS B 123 6.08 -2.53 15.48
N SER B 124 5.19 -3.22 16.19
CA SER B 124 5.57 -4.06 17.34
C SER B 124 6.14 -5.42 16.96
N ILE B 125 5.83 -5.88 15.75
CA ILE B 125 6.29 -7.19 15.27
C ILE B 125 7.65 -7.13 14.57
N GLU B 126 8.15 -5.92 14.35
CA GLU B 126 9.45 -5.66 13.72
C GLU B 126 9.55 -6.25 12.29
N PRO B 127 8.97 -5.55 11.31
CA PRO B 127 8.95 -6.04 9.93
C PRO B 127 10.22 -5.68 9.16
N TYR B 128 11.37 -6.08 9.70
CA TYR B 128 12.67 -5.87 9.04
C TYR B 128 13.60 -7.06 9.28
N LEU B 129 14.52 -7.28 8.34
CA LEU B 129 15.43 -8.41 8.39
C LEU B 129 16.45 -8.25 9.51
N LYS B 130 16.52 -9.26 10.37
CA LYS B 130 17.47 -9.26 11.48
C LYS B 130 18.51 -10.37 11.34
N LYS B 131 19.78 -9.98 11.49
CA LYS B 131 20.90 -10.92 11.43
C LYS B 131 21.71 -10.86 12.73
N LYS B 132 22.50 -11.91 12.98
CA LYS B 132 23.43 -11.92 14.11
C LYS B 132 24.70 -11.15 13.78
N ASP B 133 25.15 -11.26 12.52
CA ASP B 133 26.29 -10.50 12.04
C ASP B 133 25.85 -9.33 11.16
N GLU B 134 25.36 -8.28 11.79
CA GLU B 134 24.91 -7.07 11.11
C GLU B 134 26.09 -6.13 10.78
N SER B 135 27.29 -6.56 11.13
CA SER B 135 28.52 -5.82 10.85
C SER B 135 28.96 -6.00 9.39
N GLN B 136 28.51 -7.09 8.77
CA GLN B 136 28.91 -7.44 7.41
C GLN B 136 27.82 -7.19 6.36
N GLU B 137 26.81 -6.41 6.72
CA GLU B 137 25.71 -6.10 5.80
C GLU B 137 26.01 -4.89 4.92
N GLY B 138 25.39 -4.86 3.75
CA GLY B 138 25.52 -3.74 2.82
C GLY B 138 26.72 -3.84 1.88
N LYS B 139 27.26 -5.05 1.71
CA LYS B 139 28.40 -5.27 0.83
C LYS B 139 28.27 -6.52 -0.05
N GLN B 140 27.66 -7.58 0.50
CA GLN B 140 27.44 -8.81 -0.23
C GLN B 140 25.99 -9.26 -0.14
N GLN B 141 25.36 -9.48 -1.29
CA GLN B 141 23.96 -9.90 -1.36
C GLN B 141 23.73 -11.28 -0.76
N TYR B 142 22.72 -11.40 0.10
CA TYR B 142 22.38 -12.66 0.73
C TYR B 142 21.80 -13.63 -0.28
N LEU B 143 22.31 -14.86 -0.28
CA LEU B 143 21.84 -15.90 -1.19
C LEU B 143 20.51 -16.50 -0.72
N GLN B 144 19.59 -16.67 -1.66
CA GLN B 144 18.30 -17.29 -1.39
C GLN B 144 17.88 -18.12 -2.61
N SER B 145 17.54 -19.38 -2.38
CA SER B 145 17.16 -20.29 -3.46
C SER B 145 15.76 -20.00 -3.97
N ILE B 146 15.46 -20.51 -5.17
CA ILE B 146 14.17 -20.28 -5.83
C ILE B 146 12.97 -20.81 -5.03
N GLU B 147 13.14 -21.95 -4.35
CA GLU B 147 12.08 -22.53 -3.54
C GLU B 147 11.91 -21.77 -2.23
N GLU B 148 13.01 -21.27 -1.67
CA GLU B 148 12.97 -20.42 -0.47
C GLU B 148 12.33 -19.07 -0.76
N ARG B 149 12.39 -18.67 -2.03
CA ARG B 149 11.72 -17.47 -2.50
C ARG B 149 10.21 -17.71 -2.64
N GLU B 150 9.84 -18.93 -3.03
CA GLU B 150 8.44 -19.33 -3.17
C GLU B 150 7.70 -19.36 -1.82
N LYS B 151 8.45 -19.57 -0.74
CA LYS B 151 7.91 -19.54 0.62
C LYS B 151 7.36 -18.16 1.00
N LEU B 152 7.73 -17.14 0.23
CA LEU B 152 7.28 -15.77 0.47
C LEU B 152 6.13 -15.37 -0.45
N ASP B 153 5.83 -16.22 -1.44
CA ASP B 153 4.73 -15.96 -2.37
C ASP B 153 3.37 -16.03 -1.67
N GLY B 154 2.53 -15.05 -1.97
CA GLY B 154 1.22 -14.92 -1.34
C GLY B 154 1.31 -14.40 0.08
N LEU B 155 2.42 -13.72 0.40
CA LEU B 155 2.65 -13.16 1.74
C LEU B 155 3.18 -11.73 1.69
N TYR B 156 4.14 -11.48 0.81
CA TYR B 156 4.77 -10.16 0.69
C TYR B 156 3.87 -9.13 0.01
N GLU B 157 2.86 -9.61 -0.72
CA GLU B 157 1.95 -8.76 -1.50
C GLU B 157 1.03 -7.92 -0.61
N CYS B 158 0.94 -8.26 0.66
CA CYS B 158 0.05 -7.56 1.60
C CYS B 158 0.25 -6.04 1.56
N ILE B 159 -0.82 -5.34 1.22
CA ILE B 159 -0.81 -3.89 1.03
C ILE B 159 -0.98 -3.16 2.36
N LEU B 160 -1.39 -3.89 3.39
CA LEU B 160 -1.75 -3.32 4.69
C LEU B 160 -2.94 -2.36 4.56
N CYS B 161 -3.93 -2.78 3.79
CA CYS B 161 -5.16 -2.01 3.58
C CYS B 161 -6.04 -1.98 4.82
N ALA B 162 -5.81 -2.97 5.70
CA ALA B 162 -6.54 -3.11 6.97
C ALA B 162 -7.98 -3.62 6.79
N CYS B 163 -8.30 -4.06 5.57
CA CYS B 163 -9.57 -4.75 5.30
C CYS B 163 -9.58 -6.10 6.01
N CYS B 164 -8.39 -6.62 6.29
CA CYS B 164 -8.17 -7.91 6.91
C CYS B 164 -8.64 -7.93 8.36
N SER B 165 -7.92 -7.20 9.20
CA SER B 165 -8.15 -7.19 10.65
C SER B 165 -9.53 -6.63 10.99
N THR B 166 -10.00 -5.67 10.19
CA THR B 166 -11.27 -5.02 10.44
C THR B 166 -12.47 -5.92 10.12
N SER B 167 -12.24 -7.01 9.40
CA SER B 167 -13.28 -8.00 9.10
C SER B 167 -13.34 -9.08 10.18
N CYS B 168 -12.28 -9.17 10.97
CA CYS B 168 -12.19 -10.15 12.06
C CYS B 168 -12.97 -9.69 13.29
N PRO B 169 -13.89 -10.53 13.78
CA PRO B 169 -14.65 -10.25 14.99
C PRO B 169 -13.77 -10.12 16.24
N SER B 170 -12.69 -10.90 16.30
CA SER B 170 -11.75 -10.82 17.42
C SER B 170 -11.02 -9.48 17.49
N TYR B 171 -10.86 -8.85 16.33
CA TYR B 171 -10.26 -7.52 16.24
C TYR B 171 -11.28 -6.43 16.60
N TRP B 172 -12.57 -6.78 16.55
CA TRP B 172 -13.60 -5.87 17.01
C TRP B 172 -13.65 -5.87 18.54
N TRP B 173 -13.71 -7.08 19.11
CA TRP B 173 -13.87 -7.24 20.55
C TRP B 173 -12.58 -7.02 21.33
N ASN B 174 -11.44 -7.31 20.71
CA ASN B 174 -10.14 -7.12 21.35
C ASN B 174 -9.07 -6.52 20.43
N GLY B 175 -9.44 -5.45 19.74
CA GLY B 175 -8.53 -4.75 18.82
C GLY B 175 -7.30 -4.16 19.50
N ASP B 176 -7.42 -3.92 20.80
CA ASP B 176 -6.34 -3.35 21.60
C ASP B 176 -5.18 -4.33 21.82
N LYS B 177 -5.51 -5.57 22.15
CA LYS B 177 -4.50 -6.57 22.55
C LYS B 177 -4.20 -7.58 21.46
N TYR B 178 -5.20 -7.88 20.64
CA TYR B 178 -5.04 -8.81 19.50
C TYR B 178 -4.51 -8.06 18.29
N LEU B 179 -3.47 -8.62 17.66
CA LEU B 179 -2.81 -7.98 16.54
C LEU B 179 -3.64 -7.97 15.26
N GLY B 180 -4.30 -9.09 14.98
CA GLY B 180 -5.11 -9.21 13.78
C GLY B 180 -4.36 -9.86 12.64
N PRO B 181 -5.10 -10.44 11.66
CA PRO B 181 -4.56 -11.24 10.57
C PRO B 181 -3.57 -10.51 9.67
N ALA B 182 -3.81 -9.23 9.40
CA ALA B 182 -2.92 -8.41 8.58
C ALA B 182 -1.52 -8.35 9.18
N VAL B 183 -1.46 -8.04 10.47
CA VAL B 183 -0.20 -7.93 11.21
C VAL B 183 0.44 -9.30 11.41
N LEU B 184 -0.39 -10.29 11.78
CA LEU B 184 0.09 -11.66 12.03
C LEU B 184 0.68 -12.31 10.78
N MET B 185 0.12 -12.00 9.62
CA MET B 185 0.63 -12.51 8.36
C MET B 185 2.04 -12.01 8.10
N GLN B 186 2.26 -10.72 8.38
CA GLN B 186 3.58 -10.10 8.21
C GLN B 186 4.60 -10.65 9.20
N ALA B 187 4.16 -10.96 10.41
CA ALA B 187 5.00 -11.60 11.41
C ALA B 187 5.45 -12.98 10.91
N TYR B 188 4.52 -13.69 10.26
CA TYR B 188 4.81 -14.98 9.65
C TYR B 188 5.72 -14.81 8.44
N ARG B 189 5.50 -13.74 7.68
CA ARG B 189 6.29 -13.41 6.49
C ARG B 189 7.78 -13.29 6.80
N TRP B 190 8.09 -12.83 8.02
CA TRP B 190 9.47 -12.66 8.47
C TRP B 190 9.99 -13.87 9.26
N MET B 191 9.19 -14.93 9.34
CA MET B 191 9.60 -16.15 10.02
C MET B 191 10.19 -17.17 9.05
N ILE B 192 9.50 -17.38 7.92
CA ILE B 192 9.92 -18.37 6.93
C ILE B 192 10.98 -17.84 5.97
N ASP B 193 11.25 -16.53 6.04
CA ASP B 193 12.30 -15.92 5.23
C ASP B 193 13.66 -16.49 5.64
N SER B 194 14.30 -17.17 4.69
CA SER B 194 15.54 -17.91 4.96
C SER B 194 16.73 -17.00 5.29
N ARG B 195 16.54 -15.70 5.11
CA ARG B 195 17.58 -14.71 5.41
C ARG B 195 17.52 -14.23 6.86
N ASP B 196 16.37 -14.41 7.49
CA ASP B 196 16.16 -13.98 8.89
C ASP B 196 16.58 -15.06 9.87
N ASP B 197 17.37 -14.65 10.87
CA ASP B 197 17.89 -15.58 11.89
C ASP B 197 17.06 -15.57 13.17
N PHE B 198 16.36 -14.46 13.40
CA PHE B 198 15.57 -14.25 14.62
C PHE B 198 14.18 -14.89 14.54
N THR B 199 14.13 -16.16 14.13
CA THR B 199 12.86 -16.87 13.94
C THR B 199 12.22 -17.30 15.27
N GLU B 200 13.05 -17.80 16.19
CA GLU B 200 12.58 -18.31 17.48
C GLU B 200 12.04 -17.21 18.38
N GLU B 201 12.74 -16.08 18.44
CA GLU B 201 12.36 -14.96 19.29
C GLU B 201 11.18 -14.14 18.76
N ARG B 202 10.87 -14.30 17.47
CA ARG B 202 9.66 -13.73 16.89
C ARG B 202 8.44 -14.50 17.36
N LEU B 203 8.61 -15.83 17.51
CA LEU B 203 7.57 -16.70 18.03
C LEU B 203 7.42 -16.57 19.55
N ALA B 204 8.50 -16.12 20.20
CA ALA B 204 8.50 -15.92 21.65
C ALA B 204 7.61 -14.75 22.08
N LYS B 205 7.48 -13.74 21.21
CA LYS B 205 6.70 -12.55 21.52
C LYS B 205 5.19 -12.83 21.55
N LEU B 206 4.76 -13.90 20.89
CA LEU B 206 3.34 -14.25 20.80
C LEU B 206 2.89 -15.22 21.89
N GLN B 207 3.74 -15.43 22.90
CA GLN B 207 3.47 -16.39 23.97
C GLN B 207 2.50 -15.88 25.05
N ASP B 208 1.46 -15.19 24.60
CA ASP B 208 0.38 -14.74 25.47
C ASP B 208 -0.96 -14.98 24.79
N PRO B 209 -2.04 -15.17 25.59
CA PRO B 209 -3.35 -15.56 25.04
C PRO B 209 -3.95 -14.56 24.04
N PHE B 210 -3.48 -13.32 24.07
CA PHE B 210 -4.10 -12.25 23.29
C PHE B 210 -3.41 -11.89 21.97
N SER B 211 -2.07 -11.91 21.96
CA SER B 211 -1.31 -11.49 20.78
C SER B 211 -1.64 -12.28 19.51
N LEU B 212 -1.74 -13.61 19.65
CA LEU B 212 -2.02 -14.47 18.52
C LEU B 212 -3.24 -15.36 18.76
N TYR B 213 -3.31 -15.96 19.94
CA TYR B 213 -4.29 -17.02 20.23
C TYR B 213 -5.75 -16.59 20.35
N ARG B 214 -6.02 -15.31 20.13
CA ARG B 214 -7.41 -14.82 20.11
C ARG B 214 -8.10 -15.08 18.77
N CYS B 215 -7.39 -15.75 17.88
CA CYS B 215 -7.97 -16.21 16.62
C CYS B 215 -8.71 -17.53 16.85
N HIS B 216 -9.96 -17.58 16.38
CA HIS B 216 -10.78 -18.78 16.51
C HIS B 216 -11.22 -19.31 15.14
N THR B 217 -10.51 -18.88 14.10
CA THR B 217 -10.77 -19.27 12.72
C THR B 217 -12.21 -18.96 12.28
N ILE B 218 -12.55 -17.67 12.29
CA ILE B 218 -13.82 -17.19 11.77
C ILE B 218 -13.74 -17.09 10.24
N MET B 219 -12.53 -16.83 9.75
CA MET B 219 -12.21 -16.87 8.32
C MET B 219 -12.77 -15.71 7.49
N ASN B 220 -13.25 -14.66 8.16
CA ASN B 220 -13.71 -13.46 7.46
C ASN B 220 -12.56 -12.66 6.85
N CYS B 221 -11.34 -12.95 7.28
CA CYS B 221 -10.15 -12.27 6.78
C CYS B 221 -9.81 -12.67 5.35
N THR B 222 -9.74 -13.98 5.10
CA THR B 222 -9.42 -14.50 3.78
C THR B 222 -10.52 -14.19 2.78
N GLY B 223 -11.77 -14.35 3.21
CA GLY B 223 -12.93 -14.11 2.37
C GLY B 223 -13.11 -12.68 1.89
N THR B 224 -12.33 -11.76 2.44
CA THR B 224 -12.48 -10.33 2.12
C THR B 224 -11.28 -9.68 1.44
N CYS B 225 -10.15 -10.39 1.41
CA CYS B 225 -8.91 -9.84 0.86
C CYS B 225 -9.05 -9.32 -0.56
N PRO B 226 -8.61 -8.07 -0.81
CA PRO B 226 -8.65 -7.49 -2.15
C PRO B 226 -7.56 -8.07 -3.06
N LYS B 227 -6.48 -8.58 -2.46
CA LYS B 227 -5.35 -9.09 -3.22
C LYS B 227 -5.41 -10.60 -3.45
N GLY B 228 -6.46 -11.25 -2.95
CA GLY B 228 -6.64 -12.69 -3.10
C GLY B 228 -5.68 -13.52 -2.25
N LEU B 229 -5.20 -12.93 -1.15
CA LEU B 229 -4.29 -13.60 -0.24
C LEU B 229 -5.06 -14.43 0.79
N ASN B 230 -4.33 -15.32 1.46
CA ASN B 230 -4.91 -16.18 2.49
C ASN B 230 -4.24 -15.97 3.85
N PRO B 231 -4.69 -14.95 4.60
CA PRO B 231 -4.09 -14.61 5.90
C PRO B 231 -4.32 -15.68 6.95
N GLY B 232 -5.56 -16.16 7.06
CA GLY B 232 -5.91 -17.21 8.02
C GLY B 232 -5.03 -18.43 7.94
N LYS B 233 -4.72 -18.86 6.71
CA LYS B 233 -3.81 -19.97 6.45
C LYS B 233 -2.49 -19.78 7.21
N ALA B 234 -1.96 -18.56 7.16
CA ALA B 234 -0.71 -18.21 7.81
C ALA B 234 -0.83 -18.21 9.34
N ILE B 235 -1.97 -17.77 9.86
CA ILE B 235 -2.21 -17.76 11.31
C ILE B 235 -2.20 -19.20 11.86
N ALA B 236 -2.93 -20.09 11.20
CA ALA B 236 -2.96 -21.50 11.58
C ALA B 236 -1.60 -22.17 11.35
N GLU B 237 -0.78 -21.55 10.50
CA GLU B 237 0.57 -22.02 10.23
C GLU B 237 1.53 -21.53 11.32
N ILE B 238 1.23 -20.38 11.90
CA ILE B 238 2.00 -19.86 13.05
C ILE B 238 1.72 -20.74 14.27
N LYS B 239 0.44 -21.02 14.51
CA LYS B 239 0.02 -21.87 15.62
C LYS B 239 0.76 -23.21 15.64
N LYS B 240 1.03 -23.74 14.44
CA LYS B 240 1.79 -24.97 14.28
C LYS B 240 3.26 -24.79 14.66
N MET B 241 3.85 -23.67 14.24
CA MET B 241 5.22 -23.33 14.59
C MET B 241 5.36 -23.06 16.08
N MET B 242 4.29 -22.53 16.67
CA MET B 242 4.26 -22.15 18.08
C MET B 242 4.31 -23.37 19.02
N ALA B 243 3.70 -24.47 18.59
CA ALA B 243 3.63 -25.67 19.41
C ALA B 243 4.82 -26.61 19.18
N THR B 244 5.60 -26.34 18.14
CA THR B 244 6.65 -27.26 17.71
C THR B 244 8.09 -26.74 17.87
N TYR B 245 8.27 -25.43 18.02
CA TYR B 245 9.61 -24.85 18.05
C TYR B 245 10.41 -25.20 19.30
N LYS B 246 11.64 -25.65 19.10
CA LYS B 246 12.51 -26.14 20.16
C LYS B 246 13.09 -25.00 21.00
N GLU B 247 13.16 -25.23 22.31
CA GLU B 247 13.66 -24.24 23.30
C GLU B 247 12.87 -22.92 23.24
N THR C 3 9.31 8.23 20.02
CA THR C 3 8.11 7.33 20.11
C THR C 3 8.49 5.86 19.87
N THR C 4 7.91 4.96 20.68
CA THR C 4 8.17 3.53 20.56
C THR C 4 6.97 2.78 19.97
N ALA C 5 7.01 1.45 20.01
CA ALA C 5 5.98 0.60 19.42
C ALA C 5 4.64 0.70 20.15
N LYS C 6 4.67 0.52 21.47
CA LYS C 6 3.45 0.53 22.29
C LYS C 6 3.11 1.91 22.87
N GLU C 7 3.96 2.90 22.61
CA GLU C 7 3.67 4.28 22.98
C GLU C 7 2.65 4.93 22.04
N GLU C 8 2.63 4.47 20.79
CA GLU C 8 1.65 4.92 19.81
C GLU C 8 0.26 4.38 20.14
N MET C 9 0.22 3.17 20.69
CA MET C 9 -1.03 2.53 21.12
C MET C 9 -1.65 3.28 22.30
N GLU C 10 -0.80 3.70 23.25
CA GLU C 10 -1.25 4.47 24.40
C GLU C 10 -1.91 5.79 24.01
N ARG C 11 -1.25 6.54 23.13
CA ARG C 11 -1.75 7.83 22.67
C ARG C 11 -2.95 7.70 21.73
N PHE C 12 -3.13 6.50 21.17
CA PHE C 12 -4.32 6.17 20.39
C PHE C 12 -5.53 6.06 21.32
N TRP C 13 -5.37 5.33 22.41
CA TRP C 13 -6.47 5.10 23.37
C TRP C 13 -6.75 6.31 24.26
N ASN C 14 -5.71 7.06 24.60
CA ASN C 14 -5.87 8.26 25.42
C ASN C 14 -6.49 9.44 24.65
N LYS C 15 -6.57 9.30 23.33
CA LYS C 15 -7.17 10.31 22.47
C LYS C 15 -8.61 9.94 22.11
N ASN C 16 -8.80 8.73 21.59
CA ASN C 16 -10.09 8.31 21.05
C ASN C 16 -11.17 8.01 22.09
N LEU C 17 -10.78 7.40 23.21
CA LEU C 17 -11.71 7.08 24.29
C LEU C 17 -12.23 8.33 25.00
N GLY C 18 -11.39 9.36 25.06
CA GLY C 18 -11.77 10.64 25.63
C GLY C 18 -12.17 11.65 24.57
N SER C 19 -12.85 11.19 23.53
CA SER C 19 -13.32 12.06 22.45
C SER C 19 -14.75 11.71 22.03
N ASN C 20 -15.33 12.56 21.19
CA ASN C 20 -16.68 12.37 20.66
C ASN C 20 -16.71 11.57 19.35
N ARG C 21 -15.61 10.88 19.06
CA ARG C 21 -15.51 10.05 17.85
C ARG C 21 -16.33 8.78 17.99
N PRO C 22 -17.27 8.55 17.05
CA PRO C 22 -18.09 7.33 17.08
C PRO C 22 -17.45 6.16 16.32
N LEU C 23 -17.74 4.94 16.75
CA LEU C 23 -17.25 3.74 16.09
C LEU C 23 -18.09 3.42 14.86
N SER C 24 -17.43 2.90 13.83
CA SER C 24 -18.11 2.40 12.64
C SER C 24 -18.89 1.14 12.98
N PRO C 25 -20.10 0.98 12.41
CA PRO C 25 -20.93 -0.20 12.69
C PRO C 25 -20.25 -1.51 12.31
N HIS C 26 -20.43 -2.54 13.15
CA HIS C 26 -19.76 -3.83 12.96
C HIS C 26 -20.72 -4.93 12.47
N ILE C 27 -21.36 -5.66 13.38
CA ILE C 27 -22.35 -6.66 12.98
C ILE C 27 -23.65 -6.04 12.45
N THR C 28 -23.83 -4.75 12.74
CA THR C 28 -25.01 -4.00 12.31
C THR C 28 -25.11 -3.92 10.78
N ILE C 29 -23.98 -3.97 10.10
CA ILE C 29 -23.92 -3.76 8.66
C ILE C 29 -23.25 -4.88 7.85
N TYR C 30 -22.38 -5.64 8.50
CA TYR C 30 -21.56 -6.65 7.83
C TYR C 30 -22.40 -7.82 7.30
N ARG C 31 -22.21 -8.13 6.03
CA ARG C 31 -22.98 -9.17 5.34
C ARG C 31 -22.71 -10.56 5.92
N TRP C 32 -23.80 -11.29 6.19
CA TRP C 32 -23.73 -12.64 6.77
C TRP C 32 -23.15 -13.63 5.77
N SER C 33 -22.03 -14.25 6.17
CA SER C 33 -21.43 -15.33 5.39
C SER C 33 -21.58 -16.66 6.13
N LEU C 34 -21.59 -17.75 5.37
CA LEU C 34 -21.80 -19.10 5.93
C LEU C 34 -20.76 -19.52 6.99
N PRO C 35 -19.45 -19.37 6.69
CA PRO C 35 -18.44 -19.77 7.69
C PRO C 35 -18.52 -18.94 8.97
N MET C 36 -18.92 -17.68 8.84
CA MET C 36 -19.11 -16.79 9.99
C MET C 36 -20.26 -17.27 10.86
N ALA C 37 -21.42 -17.46 10.25
CA ALA C 37 -22.63 -17.90 10.95
C ALA C 37 -22.47 -19.30 11.54
N MET C 38 -21.67 -20.13 10.89
CA MET C 38 -21.38 -21.49 11.39
C MET C 38 -20.44 -21.48 12.59
N SER C 39 -19.61 -20.44 12.69
CA SER C 39 -18.70 -20.29 13.81
C SER C 39 -19.43 -19.74 15.05
N ILE C 40 -20.46 -18.92 14.81
CA ILE C 40 -21.31 -18.41 15.88
C ILE C 40 -22.09 -19.55 16.53
N CYS C 41 -22.63 -20.44 15.69
CA CYS C 41 -23.38 -21.60 16.16
C CYS C 41 -22.52 -22.58 16.94
N HIS C 42 -21.25 -22.69 16.56
CA HIS C 42 -20.30 -23.57 17.26
C HIS C 42 -20.01 -23.08 18.67
N ARG C 43 -20.09 -21.77 18.88
CA ARG C 43 -19.99 -21.18 20.21
C ARG C 43 -21.29 -21.38 20.96
N GLY C 44 -22.40 -21.14 20.25
CA GLY C 44 -23.74 -21.30 20.81
C GLY C 44 -24.02 -22.72 21.29
N THR C 45 -23.64 -23.69 20.47
CA THR C 45 -23.76 -25.11 20.83
C THR C 45 -22.78 -25.49 21.94
N GLY C 46 -21.66 -24.77 22.01
CA GLY C 46 -20.68 -24.95 23.07
C GLY C 46 -21.19 -24.45 24.41
N ILE C 47 -21.78 -23.26 24.41
CA ILE C 47 -22.34 -22.65 25.61
C ILE C 47 -23.57 -23.43 26.11
N ALA C 48 -24.41 -23.88 25.18
CA ALA C 48 -25.62 -24.64 25.50
C ALA C 48 -25.30 -26.01 26.09
N LEU C 49 -24.32 -26.69 25.51
CA LEU C 49 -23.92 -28.03 25.97
C LEU C 49 -23.21 -28.01 27.32
N SER C 50 -22.33 -27.03 27.51
CA SER C 50 -21.62 -26.85 28.78
C SER C 50 -22.57 -26.51 29.91
N ALA C 51 -23.60 -25.71 29.60
CA ALA C 51 -24.66 -25.40 30.55
C ALA C 51 -25.56 -26.61 30.80
N GLY C 52 -25.64 -27.50 29.81
CA GLY C 52 -26.39 -28.75 29.95
C GLY C 52 -25.72 -29.72 30.91
N VAL C 53 -24.40 -29.86 30.76
CA VAL C 53 -23.61 -30.74 31.62
C VAL C 53 -23.51 -30.19 33.05
N SER C 54 -23.41 -28.85 33.15
CA SER C 54 -23.35 -28.18 34.46
C SER C 54 -24.66 -28.32 35.23
N LEU C 55 -25.78 -28.27 34.53
CA LEU C 55 -27.10 -28.45 35.14
C LEU C 55 -27.39 -29.93 35.45
N PHE C 56 -26.54 -30.82 34.94
CA PHE C 56 -26.67 -32.25 35.18
C PHE C 56 -25.92 -32.68 36.44
N GLY C 57 -24.71 -32.15 36.61
CA GLY C 57 -23.88 -32.46 37.78
C GLY C 57 -24.35 -31.77 39.04
N LEU C 58 -24.78 -30.52 38.91
CA LEU C 58 -25.31 -29.75 40.03
C LEU C 58 -26.61 -30.33 40.57
N SER C 59 -27.44 -30.86 39.67
CA SER C 59 -28.70 -31.50 40.05
C SER C 59 -28.48 -32.84 40.77
N ALA C 60 -27.32 -33.45 40.53
CA ALA C 60 -26.96 -34.71 41.19
C ALA C 60 -26.57 -34.50 42.66
N LEU C 61 -26.14 -33.27 42.98
CA LEU C 61 -25.70 -32.93 44.34
C LEU C 61 -26.79 -32.22 45.16
N LEU C 62 -27.71 -31.57 44.46
CA LEU C 62 -28.72 -30.72 45.11
C LEU C 62 -30.11 -31.36 45.23
N LEU C 63 -30.50 -32.13 44.22
CA LEU C 63 -31.82 -32.76 44.18
C LEU C 63 -31.85 -34.15 44.83
N PRO C 64 -32.88 -34.44 45.64
CA PRO C 64 -32.98 -35.71 46.36
C PRO C 64 -33.39 -36.87 45.45
N GLY C 65 -33.10 -38.09 45.90
CA GLY C 65 -33.49 -39.31 45.17
C GLY C 65 -32.51 -39.71 44.09
N ASN C 66 -32.58 -40.99 43.69
CA ASN C 66 -31.71 -41.54 42.65
C ASN C 66 -32.21 -41.22 41.24
N PHE C 67 -31.41 -41.57 40.23
CA PHE C 67 -31.72 -41.28 38.83
C PHE C 67 -32.95 -42.03 38.31
N GLU C 68 -33.14 -43.25 38.81
CA GLU C 68 -34.28 -44.09 38.41
C GLU C 68 -35.62 -43.45 38.78
N SER C 69 -35.68 -42.87 39.98
CA SER C 69 -36.89 -42.20 40.48
C SER C 69 -37.15 -40.86 39.77
N HIS C 70 -36.08 -40.27 39.22
CA HIS C 70 -36.21 -39.04 38.43
C HIS C 70 -36.84 -39.30 37.07
N LEU C 71 -36.73 -40.54 36.58
CA LEU C 71 -37.35 -40.94 35.32
C LEU C 71 -38.79 -41.39 35.51
N GLU C 72 -39.15 -41.74 36.74
CA GLU C 72 -40.50 -42.22 37.05
C GLU C 72 -41.53 -41.10 37.09
N LEU C 73 -41.07 -39.84 37.17
CA LEU C 73 -41.96 -38.68 37.07
C LEU C 73 -42.11 -38.22 35.62
N VAL C 74 -41.11 -38.53 34.80
CA VAL C 74 -41.16 -38.29 33.36
C VAL C 74 -42.11 -39.31 32.73
N LYS C 75 -42.06 -40.54 33.23
CA LYS C 75 -42.97 -41.60 32.82
C LYS C 75 -44.40 -41.37 33.34
N SER C 76 -44.51 -40.72 34.50
CA SER C 76 -45.81 -40.40 35.11
C SER C 76 -46.62 -39.42 34.26
N LEU C 77 -45.94 -38.39 33.76
CA LEU C 77 -46.53 -37.47 32.78
C LEU C 77 -46.65 -38.22 31.46
N CYS C 78 -47.87 -38.65 31.14
CA CYS C 78 -48.14 -39.53 30.00
C CYS C 78 -47.28 -39.19 28.77
N LEU C 79 -46.52 -40.18 28.32
CA LEU C 79 -45.54 -40.03 27.25
C LEU C 79 -46.14 -39.42 25.98
N GLY C 80 -45.42 -38.47 25.40
CA GLY C 80 -45.85 -37.84 24.15
C GLY C 80 -45.68 -38.77 22.97
N PRO C 81 -46.68 -38.83 22.07
CA PRO C 81 -46.65 -39.71 20.91
C PRO C 81 -45.39 -39.53 20.05
N THR C 82 -45.23 -38.32 19.50
CA THR C 82 -44.03 -37.95 18.76
C THR C 82 -43.25 -36.87 19.50
N LEU C 83 -43.76 -36.48 20.66
CA LEU C 83 -43.14 -35.45 21.50
C LEU C 83 -41.88 -35.97 22.20
N ILE C 84 -41.83 -37.28 22.43
CA ILE C 84 -40.65 -37.94 22.97
C ILE C 84 -39.49 -37.93 21.96
N TYR C 85 -39.85 -37.96 20.67
CA TYR C 85 -38.88 -37.86 19.58
C TYR C 85 -38.41 -36.41 19.39
N THR C 86 -39.28 -35.47 19.72
CA THR C 86 -38.99 -34.03 19.58
C THR C 86 -38.03 -33.54 20.67
N ALA C 87 -38.23 -34.01 21.90
CA ALA C 87 -37.36 -33.66 23.02
C ALA C 87 -35.99 -34.31 22.90
N LYS C 88 -35.97 -35.50 22.30
CA LYS C 88 -34.73 -36.25 22.06
C LYS C 88 -33.96 -35.66 20.88
N PHE C 89 -34.69 -35.04 19.95
CA PHE C 89 -34.11 -34.38 18.78
C PHE C 89 -33.36 -33.11 19.16
N GLY C 90 -33.97 -32.29 20.02
CA GLY C 90 -33.37 -31.04 20.48
C GLY C 90 -32.31 -31.23 21.56
N ILE C 91 -31.65 -32.39 21.52
CA ILE C 91 -30.52 -32.70 22.40
C ILE C 91 -29.33 -33.17 21.58
N VAL C 92 -29.60 -34.02 20.58
CA VAL C 92 -28.56 -34.48 19.67
C VAL C 92 -28.28 -33.49 18.54
N PHE C 93 -29.25 -32.62 18.25
CA PHE C 93 -29.08 -31.59 17.21
C PHE C 93 -28.02 -30.55 17.57
N PRO C 94 -28.01 -30.05 18.83
CA PRO C 94 -26.91 -29.18 19.24
C PRO C 94 -25.61 -29.95 19.48
N LEU C 95 -25.72 -31.24 19.80
CA LEU C 95 -24.55 -32.08 20.07
C LEU C 95 -23.80 -32.46 18.79
N MET C 96 -24.53 -32.99 17.81
CA MET C 96 -23.93 -33.50 16.57
C MET C 96 -23.37 -32.39 15.68
N TYR C 97 -24.03 -31.22 15.70
CA TYR C 97 -23.52 -30.05 15.00
C TYR C 97 -22.15 -29.65 15.53
N HIS C 98 -22.04 -29.59 16.86
CA HIS C 98 -20.81 -29.21 17.54
C HIS C 98 -19.71 -30.27 17.38
N THR C 99 -20.11 -31.54 17.33
CA THR C 99 -19.17 -32.65 17.17
C THR C 99 -18.58 -32.66 15.75
N TRP C 100 -19.43 -32.55 14.74
CA TRP C 100 -18.99 -32.57 13.35
C TRP C 100 -18.17 -31.34 12.97
N ASN C 101 -18.64 -30.15 13.37
CA ASN C 101 -17.90 -28.91 13.15
C ASN C 101 -16.63 -28.85 14.00
N GLY C 102 -16.64 -29.55 15.14
CA GLY C 102 -15.47 -29.66 16.01
C GLY C 102 -14.33 -30.42 15.36
N ILE C 103 -14.67 -31.35 14.48
CA ILE C 103 -13.68 -32.06 13.66
C ILE C 103 -13.14 -31.11 12.59
N ARG C 104 -14.04 -30.33 11.99
CA ARG C 104 -13.68 -29.37 10.95
C ARG C 104 -12.76 -28.27 11.48
N HIS C 105 -13.01 -27.83 12.72
CA HIS C 105 -12.12 -26.91 13.41
C HIS C 105 -10.76 -27.53 13.69
N LEU C 106 -10.77 -28.85 13.95
CA LEU C 106 -9.55 -29.59 14.27
C LEU C 106 -8.74 -29.89 13.01
N ILE C 107 -9.42 -30.03 11.88
CA ILE C 107 -8.76 -30.18 10.58
C ILE C 107 -8.00 -28.89 10.24
N TRP C 108 -8.62 -27.75 10.55
CA TRP C 108 -8.01 -26.43 10.34
C TRP C 108 -6.76 -26.21 11.19
N ASP C 109 -6.71 -26.86 12.36
CA ASP C 109 -5.56 -26.77 13.25
C ASP C 109 -4.33 -27.44 12.66
N LEU C 110 -4.54 -28.51 11.89
CA LEU C 110 -3.48 -29.20 11.18
C LEU C 110 -3.03 -28.41 9.94
N GLY C 111 -3.90 -27.53 9.45
CA GLY C 111 -3.56 -26.63 8.35
C GLY C 111 -4.30 -26.87 7.06
N LYS C 112 -4.78 -28.11 6.87
CA LYS C 112 -5.44 -28.52 5.63
C LYS C 112 -6.86 -27.96 5.51
N GLY C 113 -7.22 -27.56 4.29
CA GLY C 113 -8.57 -27.13 3.95
C GLY C 113 -8.96 -25.75 4.45
N LEU C 114 -8.06 -24.79 4.30
CA LEU C 114 -8.30 -23.42 4.76
C LEU C 114 -8.66 -22.44 3.64
N THR C 115 -8.79 -22.94 2.41
CA THR C 115 -9.17 -22.11 1.27
C THR C 115 -10.66 -21.76 1.31
N ILE C 116 -11.02 -20.71 0.57
CA ILE C 116 -12.42 -20.24 0.51
C ILE C 116 -13.39 -21.26 -0.10
N PRO C 117 -13.01 -21.91 -1.23
CA PRO C 117 -13.90 -22.94 -1.78
C PRO C 117 -14.11 -24.13 -0.82
N GLN C 118 -13.07 -24.50 -0.07
CA GLN C 118 -13.14 -25.63 0.86
C GLN C 118 -13.98 -25.35 2.10
N LEU C 119 -14.13 -24.08 2.46
CA LEU C 119 -14.96 -23.68 3.60
C LEU C 119 -16.45 -23.88 3.32
N THR C 120 -16.88 -23.48 2.13
CA THR C 120 -18.26 -23.68 1.70
C THR C 120 -18.54 -25.15 1.34
N GLN C 121 -17.49 -25.86 0.89
CA GLN C 121 -17.59 -27.29 0.60
C GLN C 121 -17.78 -28.12 1.87
N SER C 122 -16.79 -28.06 2.77
CA SER C 122 -16.82 -28.80 4.02
C SER C 122 -17.83 -28.22 5.01
N GLY C 123 -18.24 -26.98 4.78
CA GLY C 123 -19.27 -26.32 5.59
C GLY C 123 -20.65 -26.94 5.41
N VAL C 124 -21.01 -27.22 4.15
CA VAL C 124 -22.26 -27.89 3.82
C VAL C 124 -22.23 -29.34 4.30
N VAL C 125 -21.09 -30.00 4.12
CA VAL C 125 -20.89 -31.39 4.57
C VAL C 125 -21.18 -31.55 6.07
N VAL C 126 -20.67 -30.62 6.88
CA VAL C 126 -20.93 -30.62 8.33
C VAL C 126 -22.42 -30.39 8.61
N LEU C 127 -23.02 -29.47 7.87
CA LEU C 127 -24.44 -29.14 8.03
C LEU C 127 -25.35 -30.31 7.66
N ILE C 128 -24.94 -31.09 6.65
CA ILE C 128 -25.70 -32.26 6.21
C ILE C 128 -25.51 -33.44 7.15
N LEU C 129 -24.27 -33.67 7.58
CA LEU C 129 -23.94 -34.73 8.55
C LEU C 129 -24.54 -34.49 9.93
N THR C 130 -24.95 -33.24 10.19
CA THR C 130 -25.69 -32.90 11.41
C THR C 130 -27.11 -33.46 11.33
N VAL C 131 -27.78 -33.21 10.20
CA VAL C 131 -29.16 -33.66 9.97
C VAL C 131 -29.26 -35.19 9.91
N LEU C 132 -28.29 -35.82 9.23
CA LEU C 132 -28.26 -37.27 9.09
C LEU C 132 -27.92 -38.03 10.37
N SER C 133 -27.29 -37.34 11.32
CA SER C 133 -26.97 -37.94 12.62
C SER C 133 -27.81 -37.33 13.75
N SER C 134 -28.86 -36.60 13.39
CA SER C 134 -29.84 -36.10 14.35
C SER C 134 -31.13 -36.89 14.20
N VAL C 135 -31.49 -37.17 12.95
CA VAL C 135 -32.65 -38.00 12.63
C VAL C 135 -32.30 -39.47 12.88
N GLY C 136 -31.16 -39.90 12.35
CA GLY C 136 -30.74 -41.30 12.43
C GLY C 136 -30.04 -41.71 13.72
N LEU C 137 -30.15 -40.86 14.74
CA LEU C 137 -29.56 -41.15 16.05
C LEU C 137 -30.62 -41.11 17.15
N ALA C 138 -31.62 -40.25 16.96
CA ALA C 138 -32.73 -40.12 17.91
C ALA C 138 -33.64 -41.36 17.93
N ALA C 139 -33.63 -42.12 16.83
CA ALA C 139 -34.43 -43.33 16.73
C ALA C 139 -33.57 -44.60 16.83
N MET C 140 -32.61 -44.58 17.74
CA MET C 140 -31.69 -45.70 17.94
C MET C 140 -31.81 -46.29 19.35
N SER D 2 13.09 -17.57 26.62
CA SER D 2 11.68 -17.80 26.19
C SER D 2 11.06 -19.00 26.94
N SER D 3 9.89 -18.77 27.54
CA SER D 3 9.16 -19.81 28.25
C SER D 3 7.73 -19.91 27.71
N LYS D 4 7.44 -21.00 27.00
CA LYS D 4 6.15 -21.18 26.34
C LYS D 4 5.07 -21.75 27.26
N ALA D 5 4.13 -20.89 27.66
CA ALA D 5 3.03 -21.26 28.55
C ALA D 5 1.68 -21.23 27.84
N ALA D 6 1.46 -20.20 27.02
CA ALA D 6 0.24 -20.07 26.21
C ALA D 6 0.23 -21.07 25.05
N SER D 7 1.41 -21.52 24.66
CA SER D 7 1.56 -22.52 23.59
C SER D 7 1.07 -23.89 24.02
N LEU D 8 1.40 -24.27 25.25
CA LEU D 8 1.00 -25.56 25.81
C LEU D 8 -0.50 -25.62 26.10
N HIS D 9 -1.08 -24.46 26.44
CA HIS D 9 -2.52 -24.35 26.71
C HIS D 9 -3.34 -24.57 25.44
N TRP D 10 -2.78 -24.22 24.28
CA TRP D 10 -3.41 -24.45 22.99
C TRP D 10 -3.27 -25.91 22.56
N THR D 11 -2.08 -26.48 22.77
CA THR D 11 -1.80 -27.86 22.42
C THR D 11 -2.55 -28.82 23.34
N GLY D 12 -2.47 -28.56 24.64
CA GLY D 12 -3.14 -29.37 25.67
C GLY D 12 -4.65 -29.40 25.52
N GLU D 13 -5.21 -28.33 24.96
CA GLU D 13 -6.64 -28.26 24.68
C GLU D 13 -7.00 -29.16 23.51
N ARG D 14 -6.15 -29.17 22.49
CA ARG D 14 -6.36 -29.99 21.29
C ARG D 14 -6.15 -31.48 21.52
N VAL D 15 -5.31 -31.82 22.50
CA VAL D 15 -5.11 -33.21 22.90
C VAL D 15 -6.33 -33.73 23.66
N VAL D 16 -6.99 -32.83 24.39
CA VAL D 16 -8.24 -33.16 25.09
C VAL D 16 -9.39 -33.29 24.08
N SER D 17 -9.37 -32.48 23.04
CA SER D 17 -10.37 -32.54 21.97
C SER D 17 -10.36 -33.88 21.23
N VAL D 18 -9.16 -34.35 20.86
CA VAL D 18 -9.02 -35.64 20.17
C VAL D 18 -9.27 -36.83 21.11
N LEU D 19 -9.06 -36.61 22.41
CA LEU D 19 -9.35 -37.62 23.43
C LEU D 19 -10.86 -37.75 23.63
N LEU D 20 -11.57 -36.62 23.60
CA LEU D 20 -13.02 -36.59 23.75
C LEU D 20 -13.73 -37.13 22.51
N LEU D 21 -13.10 -36.95 21.34
CA LEU D 21 -13.61 -37.49 20.09
C LEU D 21 -13.47 -39.01 20.04
N GLY D 22 -12.44 -39.53 20.69
CA GLY D 22 -12.22 -40.97 20.77
C GLY D 22 -12.88 -41.64 21.97
N LEU D 23 -13.67 -40.86 22.73
CA LEU D 23 -14.37 -41.36 23.90
C LEU D 23 -15.85 -41.64 23.65
N LEU D 24 -16.47 -40.84 22.78
CA LEU D 24 -17.89 -41.00 22.45
C LEU D 24 -18.22 -42.32 21.74
N PRO D 25 -17.40 -42.73 20.74
CA PRO D 25 -17.62 -44.04 20.14
C PRO D 25 -17.20 -45.19 21.06
N ALA D 26 -16.21 -44.93 21.92
CA ALA D 26 -15.71 -45.93 22.87
C ALA D 26 -16.71 -46.19 23.99
N ALA D 27 -17.46 -45.17 24.37
CA ALA D 27 -18.49 -45.30 25.42
C ALA D 27 -19.72 -46.05 24.91
N TYR D 28 -20.02 -45.89 23.63
CA TYR D 28 -21.13 -46.61 22.99
C TYR D 28 -20.80 -48.08 22.80
N LEU D 29 -19.60 -48.35 22.27
CA LEU D 29 -19.16 -49.72 21.99
C LEU D 29 -18.75 -50.47 23.26
N ASN D 30 -18.19 -49.76 24.22
CA ASN D 30 -17.77 -50.34 25.49
C ASN D 30 -18.21 -49.50 26.69
N PRO D 31 -19.47 -49.69 27.15
CA PRO D 31 -19.98 -48.94 28.29
C PRO D 31 -19.66 -49.61 29.62
N CYS D 32 -18.83 -48.95 30.44
CA CYS D 32 -18.42 -49.48 31.73
C CYS D 32 -18.16 -48.37 32.75
N SER D 33 -17.83 -48.76 33.98
CA SER D 33 -17.51 -47.81 35.04
C SER D 33 -16.18 -47.09 34.79
N ALA D 34 -15.24 -47.79 34.17
CA ALA D 34 -13.93 -47.24 33.83
C ALA D 34 -14.02 -46.16 32.75
N MET D 35 -15.00 -46.31 31.86
CA MET D 35 -15.25 -45.35 30.79
C MET D 35 -15.98 -44.10 31.32
N ASP D 36 -16.70 -44.28 32.42
CA ASP D 36 -17.49 -43.21 33.03
C ASP D 36 -16.62 -42.10 33.63
N TYR D 37 -15.55 -42.47 34.32
CA TYR D 37 -14.66 -41.50 34.97
C TYR D 37 -13.78 -40.74 33.99
N SER D 38 -13.30 -41.44 32.95
CA SER D 38 -12.48 -40.82 31.92
C SER D 38 -13.27 -39.82 31.08
N LEU D 39 -14.55 -40.14 30.82
CA LEU D 39 -15.44 -39.27 30.06
C LEU D 39 -15.80 -38.02 30.87
N ALA D 40 -16.15 -38.23 32.15
CA ALA D 40 -16.50 -37.13 33.05
C ALA D 40 -15.35 -36.13 33.21
N ALA D 41 -14.12 -36.65 33.29
CA ALA D 41 -12.93 -35.82 33.44
C ALA D 41 -12.64 -35.01 32.18
N ALA D 42 -12.68 -35.67 31.02
CA ALA D 42 -12.40 -35.04 29.74
C ALA D 42 -13.51 -34.08 29.30
N LEU D 43 -14.75 -34.40 29.70
CA LEU D 43 -15.91 -33.60 29.35
C LEU D 43 -15.94 -32.27 30.10
N THR D 44 -15.57 -32.32 31.38
CA THR D 44 -15.57 -31.13 32.24
C THR D 44 -14.29 -30.31 32.08
N LEU D 45 -13.23 -30.94 31.55
CA LEU D 45 -11.98 -30.24 31.27
C LEU D 45 -12.14 -29.38 30.01
N HIS D 46 -12.61 -30.02 28.94
CA HIS D 46 -12.82 -29.35 27.65
C HIS D 46 -13.84 -28.22 27.75
N GLY D 47 -14.89 -28.44 28.52
CA GLY D 47 -15.91 -27.43 28.76
C GLY D 47 -15.38 -26.23 29.51
N HIS D 48 -14.54 -26.49 30.52
CA HIS D 48 -13.91 -25.44 31.31
C HIS D 48 -12.97 -24.58 30.47
N TRP D 49 -12.14 -25.23 29.65
CA TRP D 49 -11.24 -24.51 28.75
C TRP D 49 -11.98 -23.86 27.59
N GLY D 50 -13.18 -24.36 27.30
CA GLY D 50 -14.05 -23.78 26.27
C GLY D 50 -14.64 -22.45 26.71
N ILE D 51 -15.31 -22.46 27.86
CA ILE D 51 -15.86 -21.24 28.47
C ILE D 51 -14.73 -20.27 28.85
N GLY D 52 -13.57 -20.83 29.24
CA GLY D 52 -12.38 -20.05 29.52
C GLY D 52 -11.97 -19.16 28.36
N GLN D 53 -12.27 -19.61 27.15
CA GLN D 53 -12.04 -18.83 25.93
C GLN D 53 -13.15 -17.81 25.69
N VAL D 54 -14.37 -18.18 26.06
CA VAL D 54 -15.53 -17.29 25.92
C VAL D 54 -15.42 -16.12 26.91
N VAL D 55 -14.87 -16.40 28.09
CA VAL D 55 -14.63 -15.39 29.10
C VAL D 55 -13.56 -14.38 28.63
N THR D 56 -12.41 -14.90 28.18
CA THR D 56 -11.30 -14.06 27.74
C THR D 56 -11.59 -13.23 26.48
N ASP D 57 -12.57 -13.67 25.69
CA ASP D 57 -12.96 -12.96 24.47
C ASP D 57 -13.93 -11.80 24.73
N TYR D 58 -14.83 -11.99 25.69
CA TYR D 58 -15.91 -11.02 25.92
C TYR D 58 -15.78 -10.21 27.21
N VAL D 59 -15.34 -10.85 28.29
CA VAL D 59 -15.26 -10.19 29.60
C VAL D 59 -14.14 -9.13 29.64
N ARG D 60 -14.54 -7.88 29.46
CA ARG D 60 -13.63 -6.74 29.49
C ARG D 60 -13.48 -6.21 30.91
N GLY D 61 -12.25 -6.08 31.38
CA GLY D 61 -11.98 -5.52 32.70
C GLY D 61 -11.00 -6.34 33.52
N ASP D 62 -10.60 -5.79 34.67
CA ASP D 62 -9.69 -6.46 35.60
C ASP D 62 -10.46 -7.16 36.72
N ALA D 63 -11.37 -6.44 37.35
CA ALA D 63 -12.22 -6.98 38.42
C ALA D 63 -13.22 -7.99 37.89
N LEU D 64 -13.66 -7.80 36.65
CA LEU D 64 -14.59 -8.70 35.98
C LEU D 64 -13.93 -9.97 35.48
N GLN D 65 -12.66 -9.86 35.07
CA GLN D 65 -11.89 -11.00 34.57
C GLN D 65 -11.61 -12.02 35.68
N LYS D 66 -11.37 -11.51 36.89
CA LYS D 66 -11.17 -12.36 38.06
C LYS D 66 -12.45 -13.14 38.39
N ALA D 67 -13.56 -12.41 38.52
CA ALA D 67 -14.84 -12.99 38.95
C ALA D 67 -15.42 -13.99 37.96
N ALA D 68 -15.20 -13.74 36.67
CA ALA D 68 -15.66 -14.64 35.61
C ALA D 68 -14.84 -15.92 35.56
N LYS D 69 -13.57 -15.82 35.94
CA LYS D 69 -12.68 -16.99 35.99
C LYS D 69 -12.83 -17.80 37.28
N ALA D 70 -13.00 -17.10 38.39
CA ALA D 70 -13.25 -17.73 39.69
C ALA D 70 -14.64 -18.36 39.74
N GLY D 71 -15.61 -17.68 39.12
CA GLY D 71 -16.98 -18.17 39.03
C GLY D 71 -17.14 -19.37 38.11
N LEU D 72 -16.34 -19.40 37.05
CA LEU D 72 -16.30 -20.54 36.13
C LEU D 72 -15.63 -21.75 36.77
N LEU D 73 -14.55 -21.49 37.50
CA LEU D 73 -13.81 -22.55 38.20
C LEU D 73 -14.69 -23.26 39.23
N ALA D 74 -15.57 -22.49 39.87
CA ALA D 74 -16.52 -23.02 40.84
C ALA D 74 -17.52 -23.97 40.19
N LEU D 75 -18.04 -23.59 39.03
CA LEU D 75 -18.99 -24.41 38.28
C LEU D 75 -18.33 -25.67 37.74
N SER D 76 -17.10 -25.53 37.23
CA SER D 76 -16.35 -26.64 36.65
C SER D 76 -15.98 -27.70 37.69
N ALA D 77 -15.57 -27.25 38.88
CA ALA D 77 -15.22 -28.16 39.97
C ALA D 77 -16.45 -28.85 40.55
N PHE D 78 -17.57 -28.13 40.60
CA PHE D 78 -18.84 -28.67 41.09
C PHE D 78 -19.50 -29.62 40.08
N THR D 79 -19.16 -29.46 38.81
CA THR D 79 -19.68 -30.34 37.77
C THR D 79 -18.91 -31.67 37.73
N PHE D 80 -17.59 -31.59 37.86
CA PHE D 80 -16.75 -32.79 37.90
C PHE D 80 -16.99 -33.63 39.14
N ALA D 81 -17.19 -32.97 40.28
CA ALA D 81 -17.52 -33.64 41.53
C ALA D 81 -18.92 -34.25 41.47
N GLY D 82 -19.85 -33.52 40.83
CA GLY D 82 -21.23 -33.97 40.65
C GLY D 82 -21.34 -35.20 39.77
N LEU D 83 -20.52 -35.26 38.73
CA LEU D 83 -20.47 -36.40 37.83
C LEU D 83 -19.76 -37.60 38.45
N CYS D 84 -18.74 -37.34 39.26
CA CYS D 84 -18.01 -38.38 39.97
C CYS D 84 -18.85 -39.00 41.09
N TYR D 85 -19.70 -38.19 41.70
CA TYR D 85 -20.69 -38.68 42.66
C TYR D 85 -21.76 -39.49 41.94
N PHE D 86 -22.10 -39.06 40.72
CA PHE D 86 -23.09 -39.75 39.90
C PHE D 86 -22.55 -41.06 39.34
N ASN D 87 -21.24 -41.13 39.10
CA ASN D 87 -20.59 -42.34 38.63
C ASN D 87 -20.39 -43.39 39.73
N TYR D 88 -20.17 -42.92 40.95
CA TYR D 88 -19.87 -43.80 42.07
C TYR D 88 -21.12 -44.34 42.76
N HIS D 89 -21.98 -43.43 43.25
CA HIS D 89 -23.16 -43.81 44.02
C HIS D 89 -24.47 -43.81 43.22
N ASP D 90 -24.35 -44.00 41.90
CA ASP D 90 -25.51 -44.13 41.03
C ASP D 90 -25.17 -44.94 39.78
N VAL D 91 -26.07 -44.93 38.81
CA VAL D 91 -25.94 -45.71 37.57
C VAL D 91 -24.71 -45.37 36.72
N GLY D 92 -24.24 -44.13 36.84
CA GLY D 92 -23.13 -43.64 36.02
C GLY D 92 -23.65 -42.95 34.77
N ILE D 93 -22.74 -42.33 34.02
CA ILE D 93 -23.11 -41.59 32.81
C ILE D 93 -23.58 -42.51 31.68
N CYS D 94 -22.80 -43.58 31.42
CA CYS D 94 -23.10 -44.53 30.34
C CYS D 94 -24.49 -45.17 30.47
N LYS D 95 -24.86 -45.52 31.71
CA LYS D 95 -26.16 -46.14 31.98
C LYS D 95 -27.29 -45.11 31.97
N ALA D 96 -26.96 -43.87 32.34
CA ALA D 96 -27.95 -42.78 32.39
C ALA D 96 -28.51 -42.43 31.02
N VAL D 97 -27.65 -42.41 30.01
CA VAL D 97 -28.05 -42.15 28.63
C VAL D 97 -28.86 -43.33 28.09
N ALA D 98 -28.46 -44.54 28.46
CA ALA D 98 -29.15 -45.77 28.06
C ALA D 98 -30.59 -45.83 28.54
N MET D 99 -30.82 -45.39 29.77
CA MET D 99 -32.15 -45.36 30.37
C MET D 99 -32.98 -44.18 29.87
N LEU D 100 -32.31 -43.14 29.40
CA LEU D 100 -32.98 -41.95 28.87
C LEU D 100 -33.49 -42.20 27.45
N TRP D 101 -32.69 -42.91 26.66
CA TRP D 101 -33.06 -43.27 25.29
C TRP D 101 -34.14 -44.36 25.23
N LYS D 102 -34.01 -45.37 26.09
CA LYS D 102 -35.00 -46.43 26.19
C LYS D 102 -36.21 -45.96 27.01
N LEU D 103 -36.91 -44.95 26.48
CA LEU D 103 -38.07 -44.37 27.13
C LEU D 103 -39.12 -43.99 26.09
PA FAD E . 6.58 9.58 -4.01
O1A FAD E . 6.85 8.09 -4.03
O2A FAD E . 5.48 9.95 -4.97
O5B FAD E . 6.20 10.01 -2.51
C5B FAD E . 5.55 11.24 -2.28
C4B FAD E . 5.51 11.51 -0.78
O4B FAD E . 5.57 12.90 -0.53
C3B FAD E . 4.22 10.98 -0.17
O3B FAD E . 4.53 10.03 0.82
C2B FAD E . 3.53 12.20 0.43
O2B FAD E . 3.09 11.97 1.74
C1B FAD E . 4.60 13.28 0.42
N9A FAD E . 4.01 14.59 0.11
C8A FAD E . 3.62 15.07 -1.11
N7A FAD E . 3.13 16.32 -0.95
C5A FAD E . 3.21 16.65 0.36
C6A FAD E . 2.85 17.80 1.07
N6A FAD E . 1.99 18.65 0.54
N1A FAD E . 3.07 17.84 2.44
C2A FAD E . 3.62 16.76 3.10
N3A FAD E . 3.96 15.62 2.38
C4A FAD E . 3.76 15.57 1.04
N1 FAD E . 10.47 3.85 -11.22
C2 FAD E . 11.30 2.73 -11.29
O2 FAD E . 12.51 2.87 -11.16
N3 FAD E . 10.75 1.48 -11.47
C4 FAD E . 9.39 1.34 -11.61
O4 FAD E . 8.91 0.22 -11.77
C4X FAD E . 8.55 2.46 -11.55
N5 FAD E . 7.18 2.31 -11.69
C5X FAD E . 6.35 3.42 -11.63
C6 FAD E . 4.98 3.26 -11.76
C7 FAD E . 4.13 4.37 -11.71
C7M FAD E . 2.65 4.15 -11.87
C8 FAD E . 4.68 5.64 -11.52
C8M FAD E . 3.83 6.87 -11.46
C9 FAD E . 6.06 5.80 -11.38
C9A FAD E . 6.91 4.68 -11.43
N10 FAD E . 8.28 4.84 -11.30
C10 FAD E . 9.10 3.72 -11.37
C1' FAD E . 8.87 6.21 -11.08
C2' FAD E . 9.22 6.44 -9.60
O2' FAD E . 9.37 5.21 -8.91
C3' FAD E . 8.21 7.31 -8.87
O3' FAD E . 8.23 8.61 -9.41
C4' FAD E . 8.49 7.31 -7.36
O4' FAD E . 7.35 6.83 -6.69
C5' FAD E . 8.86 8.69 -6.79
O5' FAD E . 9.21 8.51 -5.43
P FAD E . 9.37 9.77 -4.44
O1P FAD E . 9.80 9.29 -3.07
O2P FAD E . 10.37 10.77 -4.98
O3P FAD E . 7.91 10.43 -4.35
FE1 FES F . -4.57 2.65 -4.04
FE2 FES F . -7.55 2.03 -3.91
S1 FES F . -6.38 3.89 -4.05
S2 FES F . -5.74 0.90 -3.43
FE1 SF4 G . -3.06 -7.33 3.41
FE2 SF4 G . -5.58 -6.36 3.09
FE3 SF4 G . -4.96 -8.88 2.24
FE4 SF4 G . -5.07 -8.33 4.89
S1 SF4 G . -6.84 -8.26 3.41
S2 SF4 G . -3.45 -9.56 3.84
S3 SF4 G . -4.29 -6.17 4.99
S4 SF4 G . -4.11 -6.91 1.40
FE1 F3S H . -8.70 -15.46 12.80
FE3 F3S H . -9.34 -14.40 10.34
FE4 F3S H . -10.35 -13.93 12.31
S1 F3S H . -9.24 -16.53 10.94
S2 F3S H . -10.22 -14.85 14.28
S3 F3S H . -8.21 -13.48 11.98
S4 F3S H . -11.18 -13.21 10.42
CHA HEM I . -15.16 -25.45 21.37
CHB HEM I . -14.34 -29.90 19.67
CHC HEM I . -17.85 -31.62 22.56
CHD HEM I . -18.01 -27.34 24.87
C1A HEM I . -14.57 -26.52 20.72
C2A HEM I . -13.33 -26.48 19.98
C3A HEM I . -13.10 -27.71 19.51
C4A HEM I . -14.19 -28.56 19.94
CMA HEM I . -11.89 -28.16 18.65
CAA HEM I . -12.43 -25.23 19.77
CBA HEM I . -12.99 -24.39 18.64
CGA HEM I . -11.97 -23.38 18.19
O1A HEM I . -11.17 -23.71 17.27
O2A HEM I . -11.94 -22.25 18.76
C1B HEM I . -15.26 -30.75 20.25
C2B HEM I . -15.50 -32.13 19.88
C3B HEM I . -16.46 -32.62 20.69
C4B HEM I . -16.87 -31.55 21.58
CMB HEM I . -14.76 -32.92 18.78
CAB HEM I . -17.04 -34.04 20.66
CBB HEM I . -16.35 -35.05 21.23
C1C HEM I . -18.16 -30.64 23.48
C2C HEM I . -19.03 -30.78 24.64
C3C HEM I . -19.07 -29.60 25.27
C4C HEM I . -18.23 -28.67 24.54
CMC HEM I . -19.77 -32.07 25.06
CAC HEM I . -19.86 -29.27 26.56
CBC HEM I . -19.24 -29.33 27.74
C1D HEM I . -17.30 -26.41 24.15
C2D HEM I . -17.18 -25.00 24.47
C3D HEM I . -16.29 -24.39 23.37
C4D HEM I . -15.95 -25.51 22.50
CMD HEM I . -17.81 -24.25 25.66
CAD HEM I . -15.84 -22.91 23.26
CBD HEM I . -16.17 -22.30 21.90
CGD HEM I . -14.94 -21.67 21.28
O1D HEM I . -13.96 -21.33 22.02
O2D HEM I . -14.93 -21.48 20.04
NA HEM I . -15.07 -27.80 20.68
NB HEM I . -16.11 -30.43 21.28
NC HEM I . -17.69 -29.34 23.46
ND HEM I . -16.56 -26.66 22.99
FE HEM I . -16.40 -28.54 22.09
I EBM J . -14.56 -13.84 18.98
N EBM J . -18.92 -13.68 17.21
O EBM J . -17.26 -13.00 18.53
C1 EBM J . -15.70 -15.43 18.23
C2 EBM J . -17.11 -15.23 17.78
C3 EBM J . -17.82 -16.34 17.30
C4 EBM J . -17.19 -17.59 17.23
C5 EBM J . -15.88 -17.77 17.64
C6 EBM J . -15.13 -16.70 18.14
C7 EBM J . -17.78 -13.89 17.86
C8 EBM J . -19.08 -12.65 16.20
C9 EBM J . -19.15 -13.28 14.81
C10 EBM J . -20.33 -11.84 16.49
C1 EPH K . -26.70 -46.83 23.48
C2 EPH K . -27.39 -47.53 24.65
C4 EPH K . -27.68 -44.58 22.95
O2 EPH K . -26.74 -45.42 23.68
O4 EPH K . -28.89 -44.75 23.09
C18 EPH K . -27.17 -43.51 22.02
C19 EPH K . -26.36 -42.48 22.80
C20 EPH K . -25.95 -41.32 21.91
C21 EPH K . -25.25 -40.23 22.70
C22 EPH K . -26.14 -39.01 22.88
C23 EPH K . -25.98 -38.43 24.29
C24 EPH K . -27.09 -37.44 24.60
C25 EPH K . -27.59 -37.61 26.04
C26 EPH K . -27.18 -36.42 26.91
C27 EPH K . -27.46 -36.69 28.38
C28 EPH K . -26.19 -37.08 29.12
C29 EPH K . -25.72 -35.98 30.07
C30 EPH K . -24.39 -36.35 30.71
C31 EPH K . -23.44 -35.16 30.69
C37 EPH K . -27.87 -48.91 24.18
O5 EPH K . -26.90 -49.91 24.46
C3 EPH K . -25.15 -47.35 25.75
O1 EPH K . -26.57 -47.69 25.82
O3 EPH K . -24.36 -48.16 25.28
C5 EPH K . -24.65 -46.02 26.30
C6 EPH K . -23.76 -45.32 25.28
C7 EPH K . -23.88 -43.80 25.40
C8 EPH K . -22.50 -43.15 25.31
C9 EPH K . -22.61 -41.65 25.05
C10 EPH K . -22.32 -40.85 26.31
C11 EPH K . -21.91 -39.41 25.97
C12 EPH K . -22.75 -38.39 26.72
C13 EPH K . -22.82 -37.07 25.97
C14 EPH K . -23.32 -35.94 26.88
C15 EPH K . -23.86 -34.77 26.06
C16 EPH K . -24.47 -33.72 26.98
C17 EPH K . -25.60 -32.97 26.28
P1 EPH K . -26.09 -50.67 23.29
O6 EPH K . -27.11 -51.33 22.37
O7 EPH K . -25.08 -49.71 22.71
O8 EPH K . -25.29 -51.83 24.08
C38 EPH K . -24.36 -52.67 23.41
C39 EPH K . -23.00 -52.56 24.08
N1 EPH K . -21.96 -52.70 23.08
#